data_9C1I
#
_entry.id   9C1I
#
_cell.length_a   1.00
_cell.length_b   1.00
_cell.length_c   1.00
_cell.angle_alpha   90.00
_cell.angle_beta   90.00
_cell.angle_gamma   90.00
#
_symmetry.space_group_name_H-M   'P 1'
#
_entity_poly.entity_id   1
_entity_poly.type   'polypeptide(L)'
_entity_poly.pdbx_seq_one_letter_code
;MASLIYRQLLTNSYTVDLSDEIQEIGSTKTQNVTINLGPFAQTGYAPVNWGPGETNDSTTVEPVLDGPYQPTTFNPPVDY
WMLLAPTAAGVVVEGTNNTDRWLATILVEPNVTSETRSYTLFGTQEQITIANASQTQWKFIDVVKTTQNGSYSQYGPLQS
TPKLYAVMKHNGKIYTYNGETPNVTTKYYSTTNYDSVNMTAFCDFYIIPREEESTCTEYINNGLPPIQNTRNIVPLALSA
RNIISHRAQANEDIVVSKTSLWKEMQYNRDITIRFKFASSIVKSGGLGYKWSEISFKPANYQYTYTRDGEEVTAHTTCSV
NGMNDFNFNGGSLPTDFVISRYEVIKENSYVYVDYWDDSQAFRNMVYVRSLAANLNSVICTGGDYSFALPVGQWPVMTGG
AVSLHSAGVTLSTQFTDFVSLNSLRFRFRLTVEEPSFSITRTRVSRLYGLPAANPNNGKEYYEVAGRFSLISLVPSNDDY
QTPITNSVTVRQDLERQLGELREEFNALSQEIAMSQLIDLALLPLDMFSMFSGIKSTIDAAKSMATSVMKKFKKSGLANS
VSTLTDSLSDAASSISRGASIRSVGSSASAWTDVSTQITDVSSSVSSISTQTSTISRRLRLKEMATQTEGMNFDDISAAV
LKTKIDRSTQISPNTLPDIVTEASEKFIPNRAYRVINNDEVFEAGTDGRFFAYRVETFDEIPFDVQKFADLVTDSPVISA
IIDFKTLKNLNDNYGISRQQAFNLLRSDPRVLREFINQDNPIIRNRIEQLIMQCRL
;
_entity_poly.pdbx_strand_id   2,3
#
# COMPACT_ATOMS: atom_id res chain seq x y z
N PHE A 40 14.62 -57.62 12.98
CA PHE A 40 13.93 -56.35 12.81
C PHE A 40 14.93 -55.23 12.62
N ALA A 41 14.97 -54.65 11.43
CA ALA A 41 15.93 -53.59 11.16
C ALA A 41 15.66 -52.39 12.05
N GLN A 42 16.74 -51.73 12.48
CA GLN A 42 16.65 -50.53 13.31
C GLN A 42 16.56 -49.32 12.40
N THR A 43 15.37 -48.73 12.31
CA THR A 43 15.13 -47.53 11.52
C THR A 43 14.76 -46.38 12.46
N GLY A 44 15.27 -45.20 12.15
CA GLY A 44 14.98 -44.01 12.94
C GLY A 44 14.61 -42.82 12.08
N TYR A 45 14.49 -41.65 12.69
CA TYR A 45 14.20 -40.45 11.93
C TYR A 45 15.40 -40.06 11.09
N ALA A 46 15.12 -39.45 9.94
CA ALA A 46 16.20 -38.85 9.15
C ALA A 46 16.76 -37.66 9.91
N PRO A 47 18.01 -37.28 9.62
CA PRO A 47 18.57 -36.08 10.28
C PRO A 47 17.61 -34.90 10.19
N VAL A 48 17.11 -34.46 11.33
CA VAL A 48 16.03 -33.50 11.40
C VAL A 48 16.50 -32.28 12.17
N ASN A 49 16.23 -31.10 11.63
CA ASN A 49 16.56 -29.82 12.27
C ASN A 49 15.32 -28.94 12.30
N TRP A 50 15.30 -28.03 13.28
CA TRP A 50 14.22 -27.07 13.43
C TRP A 50 14.70 -25.68 13.07
N GLY A 51 13.75 -24.76 12.96
CA GLY A 51 14.07 -23.39 12.62
C GLY A 51 12.83 -22.58 12.29
N PRO A 52 13.05 -21.38 11.75
CA PRO A 52 11.90 -20.56 11.35
C PRO A 52 11.06 -21.25 10.30
N GLY A 53 9.75 -21.06 10.38
CA GLY A 53 8.87 -21.53 9.35
C GLY A 53 8.77 -20.55 8.20
N GLU A 54 8.19 -21.02 7.10
CA GLU A 54 7.94 -20.13 5.96
C GLU A 54 6.98 -19.03 6.41
N THR A 55 7.46 -17.80 6.44
CA THR A 55 6.73 -16.70 7.04
C THR A 55 6.32 -15.68 5.98
N ASN A 56 5.22 -14.99 6.26
CA ASN A 56 4.75 -13.95 5.36
C ASN A 56 5.83 -12.89 5.18
N ASP A 57 5.94 -12.37 3.96
CA ASP A 57 6.95 -11.36 3.68
C ASP A 57 6.43 -10.41 2.61
N SER A 58 7.02 -9.22 2.59
CA SER A 58 6.65 -8.20 1.62
C SER A 58 7.84 -7.27 1.43
N THR A 59 7.82 -6.53 0.33
CA THR A 59 8.89 -5.59 0.01
C THR A 59 8.29 -4.42 -0.74
N THR A 60 8.39 -3.23 -0.15
CA THR A 60 7.87 -2.02 -0.76
C THR A 60 9.02 -1.27 -1.41
N VAL A 61 8.94 -1.08 -2.73
CA VAL A 61 9.95 -0.35 -3.47
C VAL A 61 9.47 1.08 -3.64
N GLU A 62 10.35 2.03 -3.34
CA GLU A 62 9.98 3.43 -3.47
C GLU A 62 9.75 3.75 -4.94
N PRO A 63 8.89 4.74 -5.24
CA PRO A 63 8.67 5.10 -6.64
C PRO A 63 9.93 5.66 -7.27
N VAL A 64 9.93 5.68 -8.61
CA VAL A 64 11.09 6.19 -9.34
C VAL A 64 11.37 7.64 -8.97
N LEU A 65 10.32 8.39 -8.62
CA LEU A 65 10.46 9.78 -8.21
C LEU A 65 9.53 10.05 -7.04
N ASP A 66 9.77 11.17 -6.35
CA ASP A 66 8.94 11.52 -5.21
C ASP A 66 7.48 11.68 -5.59
N GLY A 67 7.20 11.93 -6.87
CA GLY A 67 5.85 11.94 -7.37
C GLY A 67 5.41 13.33 -7.79
N PRO A 68 4.47 13.43 -8.74
CA PRO A 68 4.07 14.76 -9.19
C PRO A 68 3.26 15.49 -8.13
N TYR A 69 3.89 16.45 -7.46
CA TYR A 69 3.25 17.23 -6.43
C TYR A 69 2.63 18.46 -7.08
N GLN A 70 1.32 18.60 -6.89
CA GLN A 70 0.51 19.62 -7.54
C GLN A 70 1.10 21.01 -7.40
N PRO A 71 0.71 21.96 -8.24
CA PRO A 71 1.19 23.34 -8.08
C PRO A 71 0.55 24.03 -6.89
N THR A 72 1.32 24.19 -5.80
CA THR A 72 0.82 24.81 -4.59
C THR A 72 1.94 25.60 -3.92
N THR A 73 1.53 26.61 -3.15
CA THR A 73 2.49 27.44 -2.44
C THR A 73 3.00 26.70 -1.21
N PHE A 74 4.32 26.69 -1.04
CA PHE A 74 4.93 25.99 0.08
C PHE A 74 6.37 26.48 0.23
N ASN A 75 6.97 26.15 1.38
CA ASN A 75 8.34 26.55 1.72
C ASN A 75 9.17 25.29 1.95
N PRO A 76 9.86 24.78 0.94
CA PRO A 76 10.65 23.57 1.14
C PRO A 76 11.76 23.82 2.13
N PRO A 77 12.13 22.81 2.92
CA PRO A 77 13.28 22.99 3.82
C PRO A 77 14.59 23.03 3.06
N VAL A 78 15.70 23.12 3.79
CA VAL A 78 17.02 23.30 3.17
C VAL A 78 17.47 21.98 2.56
N ASP A 79 18.28 22.08 1.50
CA ASP A 79 18.89 20.94 0.83
C ASP A 79 17.83 20.01 0.23
N TYR A 80 16.99 20.58 -0.63
CA TYR A 80 15.99 19.80 -1.36
C TYR A 80 15.74 20.45 -2.70
N TRP A 81 16.03 19.71 -3.78
CA TRP A 81 15.87 20.24 -5.12
C TRP A 81 14.40 20.22 -5.51
N MET A 82 13.93 21.31 -6.10
CA MET A 82 12.60 21.40 -6.69
C MET A 82 12.76 21.37 -8.20
N LEU A 83 12.12 20.38 -8.83
CA LEU A 83 12.18 20.19 -10.27
C LEU A 83 10.81 20.52 -10.87
N LEU A 84 10.82 21.24 -11.98
CA LEU A 84 9.58 21.66 -12.62
C LEU A 84 9.60 21.29 -14.10
N ALA A 85 8.46 20.78 -14.57
CA ALA A 85 8.26 20.40 -15.97
C ALA A 85 6.95 21.06 -16.42
N PRO A 86 6.96 22.36 -16.69
CA PRO A 86 5.73 23.04 -17.07
C PRO A 86 5.18 22.53 -18.40
N THR A 87 3.85 22.61 -18.53
CA THR A 87 3.19 22.20 -19.77
C THR A 87 3.00 23.36 -20.73
N ALA A 88 2.94 24.59 -20.22
CA ALA A 88 2.70 25.77 -21.03
C ALA A 88 3.69 26.86 -20.67
N ALA A 89 3.98 27.73 -21.64
CA ALA A 89 4.94 28.80 -21.46
C ALA A 89 4.41 29.82 -20.45
N GLY A 90 5.22 30.84 -20.19
CA GLY A 90 4.84 31.91 -19.29
C GLY A 90 5.44 31.77 -17.91
N VAL A 91 4.69 32.20 -16.89
CA VAL A 91 5.14 32.05 -15.51
C VAL A 91 4.98 30.61 -15.10
N VAL A 92 6.04 30.02 -14.52
CA VAL A 92 6.08 28.62 -14.14
C VAL A 92 6.34 28.46 -12.64
N VAL A 93 7.31 29.20 -12.10
CA VAL A 93 7.69 29.07 -10.70
C VAL A 93 8.13 30.43 -10.19
N GLU A 94 7.76 30.72 -8.94
CA GLU A 94 8.11 31.98 -8.29
C GLU A 94 8.54 31.69 -6.87
N GLY A 95 9.61 32.37 -6.43
CA GLY A 95 10.11 32.22 -5.08
C GLY A 95 10.32 33.54 -4.38
N THR A 96 9.61 33.76 -3.28
CA THR A 96 9.58 35.04 -2.59
C THR A 96 9.82 34.82 -1.11
N ASN A 97 10.77 35.56 -0.55
CA ASN A 97 10.96 35.62 0.90
C ASN A 97 10.20 36.77 1.53
N ASN A 98 9.57 37.63 0.73
CA ASN A 98 8.66 38.69 1.15
C ASN A 98 9.37 39.84 1.85
N THR A 99 10.69 39.78 2.05
CA THR A 99 11.41 40.86 2.73
C THR A 99 12.44 41.52 1.82
N ASP A 100 13.33 40.77 1.17
CA ASP A 100 14.36 41.39 0.35
C ASP A 100 14.77 40.58 -0.89
N ARG A 101 14.11 39.48 -1.21
CA ARG A 101 14.50 38.65 -2.35
C ARG A 101 13.26 38.09 -3.03
N TRP A 102 13.12 38.38 -4.33
CA TRP A 102 12.04 37.86 -5.14
C TRP A 102 12.63 37.36 -6.45
N LEU A 103 12.34 36.09 -6.79
CA LEU A 103 12.85 35.46 -7.99
C LEU A 103 11.70 34.78 -8.72
N ALA A 104 11.86 34.63 -10.03
CA ALA A 104 10.85 33.98 -10.84
C ALA A 104 11.51 33.34 -12.04
N THR A 105 10.91 32.28 -12.56
CA THR A 105 11.34 31.67 -13.81
C THR A 105 10.23 31.76 -14.83
N ILE A 106 10.59 32.08 -16.07
CA ILE A 106 9.65 32.20 -17.16
C ILE A 106 10.11 31.29 -18.29
N LEU A 107 9.19 30.48 -18.81
CA LEU A 107 9.48 29.59 -19.91
C LEU A 107 8.99 30.23 -21.21
N VAL A 108 9.91 30.41 -22.15
CA VAL A 108 9.62 31.12 -23.39
C VAL A 108 9.82 30.16 -24.56
N GLU A 109 8.89 30.20 -25.50
CA GLU A 109 8.93 29.38 -26.69
C GLU A 109 10.09 29.81 -27.57
N PRO A 110 10.53 28.95 -28.49
CA PRO A 110 11.58 29.35 -29.42
C PRO A 110 11.11 30.48 -30.34
N ASN A 111 12.08 31.26 -30.82
CA ASN A 111 11.83 32.37 -31.74
C ASN A 111 10.87 33.39 -31.13
N VAL A 112 11.34 34.03 -30.06
CA VAL A 112 10.63 35.14 -29.44
C VAL A 112 11.58 36.33 -29.38
N THR A 113 11.23 37.41 -30.07
CA THR A 113 12.06 38.61 -30.09
C THR A 113 11.98 39.30 -28.73
N SER A 114 12.67 40.44 -28.62
CA SER A 114 12.69 41.22 -27.38
C SER A 114 11.35 41.92 -27.22
N GLU A 115 10.35 41.13 -26.83
CA GLU A 115 8.97 41.58 -26.79
C GLU A 115 8.45 41.61 -25.36
N THR A 116 7.46 42.45 -25.13
CA THR A 116 6.85 42.61 -23.80
C THR A 116 5.51 41.89 -23.76
N ARG A 117 5.27 41.20 -22.64
CA ARG A 117 4.04 40.46 -22.44
C ARG A 117 3.60 40.61 -20.99
N SER A 118 2.29 40.49 -20.77
CA SER A 118 1.74 40.66 -19.43
C SER A 118 1.86 39.35 -18.66
N TYR A 119 2.55 39.39 -17.52
CA TYR A 119 2.72 38.24 -16.66
C TYR A 119 2.41 38.63 -15.23
N THR A 120 1.90 37.68 -14.45
CA THR A 120 1.51 37.92 -13.07
C THR A 120 2.61 37.44 -12.14
N LEU A 121 3.29 38.39 -11.51
CA LEU A 121 4.34 38.10 -10.53
C LEU A 121 3.84 38.53 -9.16
N PHE A 122 3.86 37.61 -8.20
CA PHE A 122 3.43 37.87 -6.83
C PHE A 122 2.06 38.56 -6.80
N GLY A 123 1.22 38.23 -7.78
CA GLY A 123 -0.15 38.72 -7.84
C GLY A 123 -0.37 39.95 -8.69
N THR A 124 0.69 40.61 -9.16
CA THR A 124 0.55 41.84 -9.95
C THR A 124 0.81 41.54 -11.42
N GLN A 125 -0.08 42.01 -12.28
CA GLN A 125 0.19 42.01 -13.71
C GLN A 125 1.31 42.98 -14.01
N GLU A 126 2.17 42.62 -14.97
CA GLU A 126 3.26 43.51 -15.33
C GLU A 126 3.69 43.22 -16.76
N GLN A 127 4.09 44.28 -17.46
CA GLN A 127 4.54 44.20 -18.85
C GLN A 127 6.01 43.79 -18.87
N ILE A 128 6.25 42.51 -18.63
CA ILE A 128 7.60 41.99 -18.53
C ILE A 128 8.17 41.77 -19.93
N THR A 129 9.42 42.17 -20.13
CA THR A 129 10.09 42.04 -21.42
C THR A 129 10.93 40.77 -21.43
N ILE A 130 10.89 40.04 -22.54
CA ILE A 130 11.59 38.76 -22.67
C ILE A 130 12.11 38.63 -24.10
N ALA A 131 13.26 38.00 -24.22
CA ALA A 131 13.93 37.81 -25.51
C ALA A 131 14.38 36.37 -25.64
N ASN A 132 14.46 35.91 -26.90
CA ASN A 132 14.83 34.52 -27.17
C ASN A 132 15.28 34.43 -28.61
N ALA A 133 16.25 33.54 -28.86
CA ALA A 133 16.75 33.27 -30.20
C ALA A 133 16.76 31.80 -30.55
N SER A 134 16.30 30.92 -29.66
CA SER A 134 16.32 29.50 -29.93
C SER A 134 15.33 29.15 -31.04
N GLN A 135 15.69 28.13 -31.82
CA GLN A 135 14.79 27.55 -32.83
C GLN A 135 14.08 26.32 -32.30
N THR A 136 14.82 25.34 -31.79
CA THR A 136 14.24 24.08 -31.35
C THR A 136 14.05 24.00 -29.84
N GLN A 137 14.80 24.76 -29.06
CA GLN A 137 14.77 24.64 -27.61
C GLN A 137 13.73 25.58 -27.01
N TRP A 138 13.62 25.53 -25.68
CA TRP A 138 12.82 26.47 -24.90
C TRP A 138 13.73 27.17 -23.90
N LYS A 139 13.44 28.44 -23.62
CA LYS A 139 14.33 29.28 -22.83
C LYS A 139 13.74 29.54 -21.45
N PHE A 140 14.47 29.15 -20.41
CA PHE A 140 14.12 29.48 -19.04
C PHE A 140 14.88 30.74 -18.64
N ILE A 141 14.13 31.79 -18.30
CA ILE A 141 14.70 33.10 -17.98
C ILE A 141 14.38 33.39 -16.51
N ASP A 142 15.42 33.72 -15.75
CA ASP A 142 15.25 34.09 -14.35
C ASP A 142 15.09 35.60 -14.24
N VAL A 143 14.16 36.03 -13.38
CA VAL A 143 13.86 37.44 -13.19
C VAL A 143 13.87 37.72 -11.71
N VAL A 144 14.54 38.82 -11.31
CA VAL A 144 14.83 39.08 -9.91
C VAL A 144 14.41 40.51 -9.55
N LYS A 145 14.06 40.69 -8.27
CA LYS A 145 13.88 42.02 -7.70
C LYS A 145 14.08 41.91 -6.19
N THR A 146 14.30 43.06 -5.55
CA THR A 146 14.69 43.11 -4.14
C THR A 146 13.79 44.05 -3.33
N THR A 147 12.57 44.30 -3.78
CA THR A 147 11.64 45.11 -3.01
C THR A 147 10.22 44.83 -3.50
N GLN A 148 9.23 45.17 -2.66
CA GLN A 148 7.84 45.05 -3.09
C GLN A 148 7.56 45.97 -4.26
N ASN A 149 8.08 47.19 -4.22
CA ASN A 149 8.00 48.17 -5.30
C ASN A 149 9.23 48.15 -6.20
N GLY A 150 10.16 47.22 -5.96
CA GLY A 150 11.47 47.33 -6.58
C GLY A 150 11.45 47.05 -8.07
N SER A 151 12.54 47.46 -8.71
CA SER A 151 12.72 47.26 -10.14
C SER A 151 13.13 45.82 -10.43
N TYR A 152 12.94 45.40 -11.68
CA TYR A 152 13.18 44.04 -12.11
C TYR A 152 14.47 43.93 -12.92
N SER A 153 15.09 42.75 -12.87
CA SER A 153 16.33 42.47 -13.57
C SER A 153 16.27 41.06 -14.14
N GLN A 154 17.07 40.83 -15.17
CA GLN A 154 17.14 39.54 -15.85
C GLN A 154 18.45 38.84 -15.54
N TYR A 155 18.37 37.54 -15.25
CA TYR A 155 19.54 36.70 -15.02
C TYR A 155 19.22 35.31 -15.54
N GLY A 156 20.26 34.56 -15.90
CA GLY A 156 20.10 33.28 -16.56
C GLY A 156 21.00 33.19 -17.78
N PRO A 157 20.49 32.62 -18.90
CA PRO A 157 19.25 31.90 -19.16
C PRO A 157 19.53 30.40 -19.25
N LEU A 158 18.56 29.58 -19.66
CA LEU A 158 18.79 28.14 -19.87
C LEU A 158 18.03 27.69 -21.10
N GLN A 159 18.73 27.40 -22.19
CA GLN A 159 18.13 26.97 -23.45
C GLN A 159 18.14 25.45 -23.47
N SER A 160 17.01 24.83 -23.16
CA SER A 160 16.94 23.38 -23.00
C SER A 160 15.71 22.84 -23.73
N THR A 161 15.82 21.60 -24.18
CA THR A 161 14.74 20.90 -24.84
C THR A 161 13.71 20.30 -23.88
N PRO A 162 14.12 19.68 -22.76
CA PRO A 162 13.13 18.90 -21.99
C PRO A 162 12.09 19.76 -21.28
N LYS A 163 12.22 21.08 -21.30
CA LYS A 163 11.34 21.96 -20.54
C LYS A 163 11.40 21.65 -19.05
N LEU A 164 12.60 21.38 -18.54
CA LEU A 164 12.80 21.01 -17.15
C LEU A 164 13.74 22.02 -16.49
N TYR A 165 13.35 22.49 -15.30
CA TYR A 165 14.15 23.41 -14.52
C TYR A 165 14.34 22.84 -13.13
N ALA A 166 15.47 23.17 -12.50
CA ALA A 166 15.79 22.65 -11.18
C ALA A 166 16.38 23.76 -10.32
N VAL A 167 15.80 23.94 -9.13
CA VAL A 167 16.18 25.01 -8.21
C VAL A 167 16.37 24.40 -6.82
N MET A 168 17.03 25.15 -5.94
CA MET A 168 17.23 24.69 -4.57
C MET A 168 17.77 25.86 -3.75
N LYS A 169 17.64 25.74 -2.43
CA LYS A 169 18.24 26.69 -1.49
C LYS A 169 19.17 25.95 -0.54
N HIS A 170 20.25 26.63 -0.15
CA HIS A 170 21.20 26.05 0.80
C HIS A 170 22.17 27.06 1.38
N ASN A 171 22.29 27.08 2.70
CA ASN A 171 23.29 27.84 3.45
C ASN A 171 23.47 29.25 2.88
N GLY A 172 22.37 29.99 2.84
CA GLY A 172 22.42 31.35 2.35
C GLY A 172 22.74 31.46 0.87
N LYS A 173 22.21 30.55 0.06
CA LYS A 173 22.50 30.53 -1.36
C LYS A 173 21.32 29.90 -2.09
N ILE A 174 21.15 30.27 -3.36
CA ILE A 174 20.13 29.70 -4.23
C ILE A 174 20.83 28.98 -5.37
N TYR A 175 20.83 27.65 -5.33
CA TYR A 175 21.40 26.87 -6.41
C TYR A 175 20.37 26.71 -7.53
N THR A 176 20.84 26.78 -8.77
CA THR A 176 19.98 26.56 -9.92
C THR A 176 20.76 25.85 -11.02
N TYR A 177 20.10 24.89 -11.68
CA TYR A 177 20.72 24.22 -12.81
C TYR A 177 20.64 25.11 -14.05
N ASN A 178 21.76 25.29 -14.72
CA ASN A 178 21.84 26.23 -15.82
C ASN A 178 22.90 25.77 -16.81
N GLY A 179 22.83 26.33 -18.02
CA GLY A 179 23.83 26.07 -19.04
C GLY A 179 23.29 25.41 -20.29
N GLU A 180 23.85 24.26 -20.62
CA GLU A 180 23.50 23.56 -21.85
C GLU A 180 23.49 22.06 -21.58
N THR A 181 22.76 21.34 -22.42
CA THR A 181 22.66 19.89 -22.33
C THR A 181 23.48 19.24 -23.44
N PRO A 182 23.98 18.01 -23.26
CA PRO A 182 23.93 17.16 -22.06
C PRO A 182 25.12 17.42 -21.14
N ASN A 183 25.51 18.69 -21.00
CA ASN A 183 26.68 19.10 -20.23
C ASN A 183 26.30 20.19 -19.24
N VAL A 184 25.15 20.02 -18.58
CA VAL A 184 24.59 21.09 -17.76
C VAL A 184 25.47 21.36 -16.56
N THR A 185 25.44 22.60 -16.09
CA THR A 185 26.23 23.05 -14.94
C THR A 185 25.29 23.62 -13.87
N THR A 186 25.90 24.01 -12.75
CA THR A 186 25.17 24.59 -11.63
C THR A 186 25.63 26.02 -11.40
N LYS A 187 24.73 26.85 -10.89
CA LYS A 187 25.05 28.23 -10.54
C LYS A 187 24.47 28.53 -9.17
N TYR A 188 25.04 29.53 -8.51
CA TYR A 188 24.61 29.95 -7.19
C TYR A 188 24.31 31.44 -7.19
N TYR A 189 23.22 31.81 -6.51
CA TYR A 189 22.81 33.19 -6.35
C TYR A 189 22.92 33.58 -4.88
N SER A 190 23.57 34.72 -4.63
CA SER A 190 23.71 35.25 -3.29
C SER A 190 22.41 35.90 -2.83
N THR A 191 22.20 35.90 -1.52
CA THR A 191 21.00 36.48 -0.94
C THR A 191 21.13 36.44 0.58
N THR A 192 20.14 37.05 1.24
CA THR A 192 19.98 36.98 2.67
C THR A 192 18.64 36.35 3.02
N ASN A 193 18.57 35.76 4.20
CA ASN A 193 17.35 35.12 4.68
C ASN A 193 16.88 34.07 3.66
N TYR A 194 17.83 33.30 3.14
CA TYR A 194 17.51 32.29 2.13
C TYR A 194 16.46 31.31 2.63
N ASP A 195 16.40 31.08 3.94
CA ASP A 195 15.40 30.14 4.46
C ASP A 195 14.00 30.71 4.38
N SER A 196 13.85 32.02 4.25
CA SER A 196 12.53 32.63 4.19
C SER A 196 11.91 32.57 2.80
N VAL A 197 12.69 32.29 1.76
CA VAL A 197 12.15 32.24 0.41
C VAL A 197 11.17 31.08 0.33
N ASN A 198 9.96 31.35 -0.17
CA ASN A 198 9.06 30.29 -0.56
C ASN A 198 9.37 29.89 -2.00
N MET A 199 8.72 28.82 -2.46
CA MET A 199 8.81 28.39 -3.86
C MET A 199 7.44 27.85 -4.25
N THR A 200 6.60 28.73 -4.80
CA THR A 200 5.26 28.36 -5.24
C THR A 200 5.28 28.19 -6.75
N ALA A 201 4.85 27.02 -7.21
CA ALA A 201 4.88 26.66 -8.63
C ALA A 201 3.46 26.58 -9.15
N PHE A 202 3.22 27.17 -10.31
CA PHE A 202 1.93 27.10 -10.98
C PHE A 202 1.81 25.89 -11.89
N CYS A 203 2.85 25.07 -11.99
CA CYS A 203 2.81 23.84 -12.76
C CYS A 203 3.34 22.70 -11.90
N ASP A 204 2.93 21.49 -12.25
CA ASP A 204 3.26 20.31 -11.45
C ASP A 204 4.77 20.19 -11.27
N PHE A 205 5.20 19.86 -10.05
CA PHE A 205 6.62 19.85 -9.70
C PHE A 205 6.95 18.64 -8.83
N TYR A 206 8.17 18.16 -9.01
CA TYR A 206 8.75 17.08 -8.24
C TYR A 206 9.74 17.63 -7.21
N ILE A 207 10.05 16.82 -6.20
CA ILE A 207 11.03 17.17 -5.19
C ILE A 207 12.03 16.02 -5.09
N ILE A 208 13.31 16.38 -4.98
CA ILE A 208 14.39 15.40 -4.99
C ILE A 208 15.33 15.69 -3.82
N PRO A 209 15.91 14.66 -3.19
CA PRO A 209 16.94 14.92 -2.17
C PRO A 209 18.23 15.41 -2.80
N ARG A 210 19.02 16.11 -1.99
CA ARG A 210 20.28 16.65 -2.47
C ARG A 210 21.22 15.54 -2.92
N GLU A 211 21.27 14.45 -2.15
CA GLU A 211 22.25 13.39 -2.41
C GLU A 211 22.14 12.83 -3.82
N GLU A 212 20.97 12.90 -4.44
CA GLU A 212 20.77 12.38 -5.78
C GLU A 212 20.90 13.47 -6.85
N GLU A 213 21.74 14.48 -6.61
CA GLU A 213 21.92 15.52 -7.61
C GLU A 213 22.40 14.93 -8.93
N SER A 214 23.12 13.81 -8.89
CA SER A 214 23.49 13.13 -10.13
C SER A 214 22.25 12.86 -10.96
N THR A 215 21.25 12.22 -10.36
CA THR A 215 20.01 11.97 -11.08
C THR A 215 19.34 13.27 -11.49
N CYS A 216 19.54 14.34 -10.72
CA CYS A 216 19.04 15.64 -11.15
C CYS A 216 19.73 16.08 -12.44
N THR A 217 21.05 15.95 -12.49
CA THR A 217 21.79 16.44 -13.64
C THR A 217 21.34 15.74 -14.92
N GLU A 218 21.28 14.41 -14.89
CA GLU A 218 20.79 13.70 -16.07
C GLU A 218 19.32 14.02 -16.32
N TYR A 219 18.58 14.33 -15.26
CA TYR A 219 17.19 14.76 -15.44
C TYR A 219 17.10 16.08 -16.18
N ILE A 220 18.18 16.86 -16.20
CA ILE A 220 18.23 18.02 -17.09
C ILE A 220 18.86 17.66 -18.43
N ASN A 221 19.65 16.59 -18.50
CA ASN A 221 20.09 16.09 -19.79
C ASN A 221 18.90 15.66 -20.64
N ASN A 222 17.97 14.94 -20.03
CA ASN A 222 16.76 14.49 -20.70
C ASN A 222 15.60 14.59 -19.72
N GLY A 223 14.40 14.78 -20.25
CA GLY A 223 13.24 14.93 -19.41
C GLY A 223 13.02 13.75 -18.49
N LEU A 224 11.99 13.82 -17.65
CA LEU A 224 11.60 12.69 -16.83
C LEU A 224 11.38 11.48 -17.73
N PRO A 225 11.37 10.26 -17.20
CA PRO A 225 11.34 9.07 -18.07
C PRO A 225 10.18 9.14 -19.04
N PRO A 226 10.39 8.70 -20.29
CA PRO A 226 9.39 8.98 -21.33
C PRO A 226 8.03 8.40 -20.99
N ILE A 227 6.98 9.10 -21.42
CA ILE A 227 5.62 8.60 -21.30
C ILE A 227 5.38 7.38 -22.20
N GLN A 228 6.33 7.06 -23.06
CA GLN A 228 6.39 5.91 -23.95
C GLN A 228 5.48 6.05 -25.16
N ASN A 229 4.59 7.05 -25.21
CA ASN A 229 3.73 7.32 -26.36
C ASN A 229 3.25 6.04 -27.02
N THR A 230 2.90 5.04 -26.22
CA THR A 230 2.79 3.68 -26.72
C THR A 230 1.63 3.58 -27.72
N ARG A 231 1.62 2.47 -28.46
CA ARG A 231 0.64 2.24 -29.51
C ARG A 231 -0.74 2.03 -28.90
N ALA A 248 11.88 -44.23 -17.02
CA ALA A 248 11.58 -42.84 -16.72
C ALA A 248 10.15 -42.70 -16.25
N GLN A 249 9.20 -42.82 -17.17
CA GLN A 249 7.79 -42.74 -16.84
C GLN A 249 7.35 -44.07 -16.22
N ALA A 250 6.04 -44.25 -16.10
CA ALA A 250 5.45 -45.41 -15.42
C ALA A 250 5.63 -45.24 -13.92
N ASN A 251 5.27 -46.25 -13.15
CA ASN A 251 5.31 -46.19 -11.69
C ASN A 251 6.26 -47.24 -11.14
N GLU A 252 7.02 -46.86 -10.13
CA GLU A 252 7.92 -47.77 -9.43
C GLU A 252 7.83 -47.52 -7.94
N ASP A 253 7.74 -48.59 -7.16
CA ASP A 253 7.82 -48.52 -5.71
C ASP A 253 8.87 -49.52 -5.24
N ILE A 254 9.69 -49.11 -4.27
CA ILE A 254 10.83 -49.89 -3.82
C ILE A 254 10.93 -49.77 -2.32
N VAL A 255 11.27 -50.87 -1.66
CA VAL A 255 11.48 -50.89 -0.21
C VAL A 255 12.93 -50.52 0.07
N VAL A 256 13.13 -49.53 0.92
CA VAL A 256 14.48 -49.02 1.20
C VAL A 256 15.00 -49.65 2.48
N SER A 257 14.11 -50.04 3.38
CA SER A 257 14.47 -50.72 4.61
C SER A 257 13.43 -51.77 4.94
N LYS A 258 13.89 -52.90 5.47
CA LYS A 258 12.96 -53.97 5.82
C LYS A 258 12.09 -53.50 6.98
N THR A 259 11.24 -54.41 7.45
CA THR A 259 10.27 -54.06 8.48
C THR A 259 10.98 -53.48 9.70
N SER A 260 10.47 -52.37 10.20
CA SER A 260 11.01 -51.69 11.37
C SER A 260 10.15 -52.03 12.58
N LEU A 261 10.39 -51.32 13.69
CA LEU A 261 9.62 -51.54 14.90
C LEU A 261 9.42 -50.20 15.60
N TRP A 262 8.16 -49.83 15.85
CA TRP A 262 7.84 -48.53 16.39
C TRP A 262 6.76 -48.66 17.45
N LYS A 263 6.62 -47.60 18.25
CA LYS A 263 5.55 -47.48 19.23
C LYS A 263 4.99 -46.07 19.16
N GLU A 264 3.89 -45.85 19.86
CA GLU A 264 3.20 -44.56 19.88
C GLU A 264 3.16 -44.05 21.30
N MET A 265 3.63 -42.82 21.51
CA MET A 265 3.76 -42.24 22.84
C MET A 265 3.06 -40.90 22.90
N GLN A 266 2.37 -40.64 24.02
CA GLN A 266 1.71 -39.36 24.27
C GLN A 266 2.54 -38.60 25.30
N TYR A 267 3.23 -37.56 24.85
CA TYR A 267 4.03 -36.72 25.72
C TYR A 267 3.22 -35.49 26.12
N ASN A 268 3.03 -35.30 27.42
CA ASN A 268 2.38 -34.12 27.96
C ASN A 268 3.44 -33.24 28.58
N ARG A 269 3.57 -32.00 28.11
CA ARG A 269 4.61 -31.12 28.64
C ARG A 269 4.11 -29.69 28.78
N ASP A 270 4.59 -29.01 29.82
CA ASP A 270 4.38 -27.58 29.94
C ASP A 270 5.14 -26.86 28.84
N ILE A 271 4.48 -25.87 28.23
CA ILE A 271 5.10 -24.99 27.26
C ILE A 271 4.83 -23.56 27.70
N THR A 272 5.89 -22.77 27.83
CA THR A 272 5.81 -21.37 28.21
C THR A 272 6.42 -20.60 27.04
N ILE A 273 5.60 -20.28 26.05
CA ILE A 273 6.10 -19.67 24.82
C ILE A 273 6.11 -18.17 24.99
N ARG A 274 7.27 -17.55 24.72
CA ARG A 274 7.48 -16.12 24.86
C ARG A 274 7.82 -15.57 23.48
N PHE A 275 6.94 -14.73 22.94
CA PHE A 275 7.11 -14.16 21.62
C PHE A 275 6.89 -12.66 21.68
N LYS A 276 7.69 -11.93 20.90
CA LYS A 276 7.61 -10.48 20.83
C LYS A 276 7.48 -10.06 19.38
N PHE A 277 6.64 -9.06 19.12
CA PHE A 277 6.48 -8.57 17.77
C PHE A 277 7.69 -7.74 17.36
N ALA A 278 7.81 -7.50 16.05
CA ALA A 278 8.80 -6.58 15.50
C ALA A 278 8.17 -5.79 14.38
N SER A 279 8.45 -4.49 14.36
CA SER A 279 7.81 -3.57 13.45
C SER A 279 8.83 -3.02 12.47
N SER A 280 8.53 -3.10 11.18
CA SER A 280 9.36 -2.55 10.12
C SER A 280 8.80 -1.19 9.71
N ILE A 281 9.63 -0.17 9.81
CA ILE A 281 9.24 1.22 9.55
C ILE A 281 10.06 1.71 8.37
N VAL A 282 9.40 1.99 7.25
CA VAL A 282 10.05 2.53 6.07
C VAL A 282 9.43 3.90 5.80
N LYS A 283 10.26 4.93 5.77
CA LYS A 283 9.80 6.29 5.54
C LYS A 283 10.08 6.69 4.11
N SER A 284 9.06 7.22 3.43
CA SER A 284 9.21 7.61 2.04
C SER A 284 10.23 8.73 1.92
N GLY A 285 10.98 8.71 0.82
CA GLY A 285 11.96 9.75 0.58
C GLY A 285 11.31 11.10 0.35
N GLY A 286 12.14 12.13 0.37
CA GLY A 286 11.70 13.50 0.18
C GLY A 286 11.89 14.33 1.44
N LEU A 287 10.95 15.24 1.68
CA LEU A 287 11.07 16.11 2.84
C LEU A 287 11.09 15.32 4.13
N GLY A 288 10.27 14.29 4.23
CA GLY A 288 10.16 13.47 5.41
C GLY A 288 8.85 13.58 6.14
N TYR A 289 7.80 14.09 5.51
CA TYR A 289 6.49 14.21 6.12
C TYR A 289 5.55 13.08 5.75
N LYS A 290 6.07 12.04 5.10
CA LYS A 290 5.27 10.87 4.75
C LYS A 290 6.04 9.60 5.10
N TRP A 291 5.29 8.59 5.52
CA TRP A 291 5.84 7.28 5.83
C TRP A 291 5.34 6.27 4.81
N SER A 292 6.27 5.57 4.17
CA SER A 292 5.93 4.67 3.07
C SER A 292 5.32 3.37 3.56
N GLU A 293 5.68 2.90 4.75
CA GLU A 293 5.20 1.60 5.22
C GLU A 293 5.43 1.41 6.70
N ILE A 294 4.41 0.95 7.41
CA ILE A 294 4.52 0.57 8.82
C ILE A 294 3.95 -0.84 8.92
N SER A 295 4.82 -1.84 8.79
CA SER A 295 4.40 -3.23 8.66
C SER A 295 4.92 -4.07 9.81
N PHE A 296 4.40 -5.29 9.89
CA PHE A 296 4.93 -6.29 10.80
C PHE A 296 6.07 -7.05 10.14
N LYS A 297 6.98 -7.55 10.95
CA LYS A 297 8.13 -8.30 10.46
C LYS A 297 8.31 -9.56 11.28
N PRO A 298 8.82 -10.64 10.69
CA PRO A 298 9.09 -11.85 11.49
C PRO A 298 10.07 -11.53 12.61
N ALA A 299 9.60 -11.66 13.85
CA ALA A 299 10.34 -11.22 15.02
C ALA A 299 10.89 -12.45 15.74
N ASN A 300 12.21 -12.58 15.76
CA ASN A 300 12.86 -13.70 16.42
C ASN A 300 13.17 -13.37 17.87
N TYR A 301 13.21 -14.42 18.70
CA TYR A 301 13.51 -14.25 20.11
C TYR A 301 14.02 -15.59 20.64
N GLN A 302 14.82 -15.51 21.70
CA GLN A 302 15.38 -16.71 22.32
C GLN A 302 15.34 -16.51 23.83
N TYR A 303 15.26 -17.62 24.56
CA TYR A 303 15.17 -17.53 26.02
C TYR A 303 15.41 -18.91 26.60
N THR A 304 15.30 -19.00 27.93
CA THR A 304 15.44 -20.26 28.64
C THR A 304 14.38 -20.32 29.73
N TYR A 305 14.03 -21.54 30.13
CA TYR A 305 13.14 -21.70 31.28
C TYR A 305 13.22 -23.11 31.79
N THR A 306 12.77 -23.30 33.03
CA THR A 306 12.93 -24.54 33.75
C THR A 306 11.57 -25.14 34.06
N ARG A 307 11.45 -26.46 33.84
CA ARG A 307 10.24 -27.19 34.17
C ARG A 307 10.61 -28.55 34.72
N ASP A 308 9.98 -28.93 35.83
CA ASP A 308 10.22 -30.21 36.49
C ASP A 308 11.68 -30.37 36.91
N GLY A 309 12.39 -29.27 37.10
CA GLY A 309 13.79 -29.31 37.46
C GLY A 309 14.75 -29.37 36.29
N GLU A 310 14.24 -29.45 35.05
CA GLU A 310 15.07 -29.49 33.87
C GLU A 310 15.06 -28.13 33.20
N GLU A 311 16.24 -27.61 32.89
CA GLU A 311 16.37 -26.37 32.15
C GLU A 311 16.34 -26.65 30.66
N VAL A 312 15.73 -25.74 29.90
CA VAL A 312 15.62 -25.89 28.46
C VAL A 312 15.64 -24.52 27.80
N THR A 313 16.42 -24.38 26.74
CA THR A 313 16.46 -23.17 25.95
C THR A 313 15.49 -23.31 24.79
N ALA A 314 14.88 -22.19 24.40
CA ALA A 314 13.86 -22.19 23.37
C ALA A 314 14.04 -20.99 22.46
N HIS A 315 13.55 -21.13 21.23
CA HIS A 315 13.56 -20.09 20.23
C HIS A 315 12.15 -19.93 19.70
N THR A 316 11.80 -18.69 19.38
CA THR A 316 10.47 -18.34 18.94
C THR A 316 10.54 -17.31 17.82
N THR A 317 9.52 -17.31 16.97
CA THR A 317 9.46 -16.41 15.83
C THR A 317 8.01 -16.02 15.62
N CYS A 318 7.68 -14.76 15.92
CA CYS A 318 6.32 -14.28 15.78
C CYS A 318 6.11 -13.64 14.40
N SER A 319 4.90 -13.81 13.88
CA SER A 319 4.53 -13.21 12.60
C SER A 319 3.02 -13.10 12.56
N VAL A 320 2.51 -12.44 11.52
CA VAL A 320 1.07 -12.20 11.38
C VAL A 320 0.64 -12.60 9.98
N ASN A 321 -0.66 -12.85 9.85
CA ASN A 321 -1.27 -13.16 8.57
C ASN A 321 -2.69 -12.61 8.57
N GLY A 322 -3.18 -12.26 7.40
CA GLY A 322 -4.48 -11.63 7.29
C GLY A 322 -4.51 -10.22 7.81
N MET A 323 -3.37 -9.56 7.93
CA MET A 323 -3.32 -8.20 8.46
C MET A 323 -4.08 -7.26 7.55
N ASN A 324 -4.71 -6.26 8.16
CA ASN A 324 -5.50 -5.26 7.44
C ASN A 324 -4.65 -4.03 7.21
N ASP A 325 -4.65 -3.53 5.96
CA ASP A 325 -3.84 -2.38 5.58
C ASP A 325 -4.71 -1.13 5.62
N PHE A 326 -4.48 -0.28 6.61
CA PHE A 326 -5.09 1.04 6.65
C PHE A 326 -4.14 2.04 6.01
N ASN A 327 -4.68 2.97 5.23
CA ASN A 327 -3.88 3.95 4.51
C ASN A 327 -4.50 5.33 4.74
N PHE A 328 -4.10 6.00 5.80
CA PHE A 328 -4.53 7.37 6.04
C PHE A 328 -3.86 8.30 5.06
N ASN A 329 -4.60 9.32 4.62
CA ASN A 329 -4.08 10.35 3.71
C ASN A 329 -4.34 11.72 4.31
N GLY A 330 -3.26 12.45 4.58
CA GLY A 330 -3.33 13.80 5.11
C GLY A 330 -3.27 14.88 4.06
N GLY A 331 -3.30 14.53 2.77
CA GLY A 331 -3.24 15.51 1.71
C GLY A 331 -2.03 15.30 0.83
N SER A 332 -2.03 15.93 -0.35
CA SER A 332 -0.94 15.75 -1.31
C SER A 332 0.16 16.79 -1.16
N LEU A 333 0.00 17.78 -0.28
CA LEU A 333 1.06 18.74 -0.09
C LEU A 333 2.30 18.03 0.46
N PRO A 334 3.51 18.41 0.04
CA PRO A 334 4.71 17.72 0.52
C PRO A 334 4.89 17.81 2.02
N THR A 335 4.28 18.80 2.67
CA THR A 335 4.42 18.99 4.11
C THR A 335 3.30 18.34 4.91
N ASP A 336 2.38 17.63 4.26
CA ASP A 336 1.28 16.99 4.97
C ASP A 336 1.72 15.65 5.55
N PHE A 337 1.10 15.27 6.67
CA PHE A 337 1.39 14.00 7.32
C PHE A 337 0.62 12.89 6.61
N VAL A 338 1.34 12.01 5.94
CA VAL A 338 0.74 10.96 5.13
C VAL A 338 1.32 9.62 5.56
N ILE A 339 0.45 8.63 5.75
CA ILE A 339 0.84 7.25 6.00
C ILE A 339 0.41 6.44 4.79
N SER A 340 1.38 6.04 3.97
CA SER A 340 1.05 5.32 2.74
C SER A 340 0.34 4.01 3.06
N ARG A 341 0.83 3.27 4.05
CA ARG A 341 0.21 2.01 4.45
C ARG A 341 0.74 1.55 5.79
N TYR A 342 -0.16 1.30 6.74
CA TYR A 342 0.21 0.73 8.03
C TYR A 342 -0.74 -0.41 8.36
N GLU A 343 -0.20 -1.43 9.02
CA GLU A 343 -0.90 -2.69 9.20
C GLU A 343 -1.47 -2.80 10.62
N VAL A 344 -2.71 -3.28 10.71
CA VAL A 344 -3.38 -3.51 11.98
C VAL A 344 -4.10 -4.85 11.89
N ILE A 345 -4.11 -5.57 13.00
CA ILE A 345 -4.66 -6.93 13.06
C ILE A 345 -6.03 -6.86 13.73
N LYS A 346 -7.01 -7.55 13.14
CA LYS A 346 -8.40 -7.44 13.55
C LYS A 346 -9.05 -8.82 13.68
N GLU A 347 -10.38 -8.85 13.75
CA GLU A 347 -11.09 -10.13 13.85
C GLU A 347 -10.64 -11.09 12.76
N ASN A 348 -10.44 -10.59 11.54
CA ASN A 348 -10.14 -11.42 10.38
C ASN A 348 -8.65 -11.61 10.17
N SER A 349 -7.85 -11.62 11.23
CA SER A 349 -6.41 -11.82 11.15
C SER A 349 -5.96 -12.84 12.19
N TYR A 350 -4.85 -13.49 11.89
CA TYR A 350 -4.23 -14.46 12.79
C TYR A 350 -2.79 -14.06 13.06
N VAL A 351 -2.26 -14.54 14.18
CA VAL A 351 -0.86 -14.33 14.52
C VAL A 351 -0.22 -15.69 14.75
N TYR A 352 0.82 -16.00 13.98
CA TYR A 352 1.54 -17.25 14.09
C TYR A 352 2.76 -17.09 14.97
N VAL A 353 3.09 -18.16 15.68
CA VAL A 353 4.26 -18.21 16.54
C VAL A 353 4.97 -19.54 16.28
N ASP A 354 6.12 -19.46 15.63
CA ASP A 354 6.92 -20.65 15.34
C ASP A 354 7.85 -20.90 16.52
N TYR A 355 7.71 -22.05 17.15
CA TYR A 355 8.39 -22.35 18.41
C TYR A 355 9.23 -23.61 18.26
N TRP A 356 10.40 -23.62 18.89
CA TRP A 356 11.17 -24.86 18.94
C TRP A 356 12.22 -24.76 20.03
N ASP A 357 12.47 -25.88 20.70
CA ASP A 357 13.41 -25.92 21.82
C ASP A 357 14.28 -27.17 21.67
N ASP A 358 15.05 -27.48 22.71
CA ASP A 358 15.94 -28.63 22.73
C ASP A 358 15.46 -29.72 23.67
N SER A 359 14.21 -29.66 24.12
CA SER A 359 13.74 -30.62 25.11
C SER A 359 13.70 -32.03 24.52
N GLN A 360 13.38 -32.99 25.38
CA GLN A 360 13.26 -34.37 24.94
C GLN A 360 12.10 -34.54 23.97
N ALA A 361 11.04 -33.74 24.13
CA ALA A 361 9.86 -33.92 23.30
C ALA A 361 10.16 -33.62 21.83
N PHE A 362 10.74 -32.46 21.55
CA PHE A 362 10.88 -32.04 20.17
C PHE A 362 11.83 -32.92 19.37
N ARG A 363 12.61 -33.77 20.05
CA ARG A 363 13.35 -34.79 19.32
C ARG A 363 12.41 -35.81 18.71
N ASN A 364 11.31 -36.13 19.40
CA ASN A 364 10.37 -37.16 18.98
C ASN A 364 9.13 -36.59 18.31
N MET A 365 9.24 -35.42 17.68
CA MET A 365 8.11 -34.80 17.01
C MET A 365 8.21 -34.89 15.49
N VAL A 366 9.09 -35.73 14.96
CA VAL A 366 9.23 -35.86 13.52
C VAL A 366 7.97 -36.51 12.93
N TYR A 367 7.66 -37.72 13.38
CA TYR A 367 6.45 -38.43 12.96
C TYR A 367 5.40 -38.20 14.05
N VAL A 368 4.55 -37.21 13.84
CA VAL A 368 3.57 -36.78 14.83
C VAL A 368 2.19 -37.23 14.37
N ARG A 369 1.43 -37.82 15.29
CA ARG A 369 0.10 -38.31 15.01
C ARG A 369 -1.01 -37.41 15.54
N SER A 370 -0.71 -36.55 16.51
CA SER A 370 -1.70 -35.63 17.04
C SER A 370 -1.00 -34.62 17.94
N LEU A 371 -1.52 -33.39 17.95
CA LEU A 371 -1.01 -32.34 18.80
C LEU A 371 -2.18 -31.49 19.29
N ALA A 372 -2.24 -31.28 20.60
CA ALA A 372 -3.30 -30.48 21.20
C ALA A 372 -2.69 -29.53 22.21
N ALA A 373 -2.95 -28.23 22.06
CA ALA A 373 -2.37 -27.21 22.91
C ALA A 373 -3.46 -26.51 23.69
N ASN A 374 -3.30 -26.45 25.01
CA ASN A 374 -4.16 -25.67 25.89
C ASN A 374 -3.32 -24.53 26.45
N LEU A 375 -3.62 -23.31 26.03
CA LEU A 375 -2.83 -22.14 26.38
C LEU A 375 -3.74 -21.06 26.95
N ASN A 376 -3.17 -20.22 27.82
CA ASN A 376 -3.91 -19.13 28.43
C ASN A 376 -3.81 -17.89 27.54
N SER A 377 -4.94 -17.22 27.34
CA SER A 377 -4.98 -16.07 26.45
C SER A 377 -4.13 -14.94 27.00
N VAL A 378 -3.72 -14.04 26.11
CA VAL A 378 -2.89 -12.89 26.47
C VAL A 378 -3.47 -11.66 25.78
N ILE A 379 -3.19 -10.50 26.38
CA ILE A 379 -3.65 -9.21 25.86
C ILE A 379 -2.41 -8.41 25.47
N CYS A 380 -2.34 -7.98 24.22
CA CYS A 380 -1.23 -7.18 23.71
C CYS A 380 -1.74 -5.76 23.46
N THR A 381 -1.23 -4.82 24.25
CA THR A 381 -1.61 -3.42 24.13
C THR A 381 -0.80 -2.74 23.04
N GLY A 382 -1.20 -1.50 22.71
CA GLY A 382 -0.51 -0.71 21.71
C GLY A 382 0.38 0.33 22.36
N GLY A 383 1.65 0.34 21.96
CA GLY A 383 2.61 1.26 22.50
C GLY A 383 2.49 2.65 21.91
N ASP A 384 3.39 3.53 22.35
CA ASP A 384 3.42 4.92 21.91
C ASP A 384 4.59 5.09 20.95
N TYR A 385 4.27 5.36 19.68
CA TYR A 385 5.27 5.61 18.66
C TYR A 385 5.14 7.05 18.19
N SER A 386 6.26 7.73 18.02
CA SER A 386 6.30 9.14 17.69
C SER A 386 6.87 9.33 16.29
N PHE A 387 6.12 10.03 15.44
CA PHE A 387 6.62 10.42 14.13
C PHE A 387 7.47 11.68 14.27
N ALA A 388 8.69 11.62 13.77
CA ALA A 388 9.64 12.72 13.93
C ALA A 388 9.58 13.61 12.68
N LEU A 389 8.53 14.41 12.60
CA LEU A 389 8.43 15.38 11.52
C LEU A 389 9.48 16.46 11.70
N PRO A 390 10.02 17.01 10.60
CA PRO A 390 11.01 18.08 10.75
C PRO A 390 10.50 19.28 11.54
N VAL A 391 9.23 19.68 11.36
CA VAL A 391 8.67 20.83 12.04
C VAL A 391 7.20 20.53 12.34
N GLY A 392 6.63 21.38 13.18
CA GLY A 392 5.22 21.25 13.56
C GLY A 392 5.07 20.56 14.90
N GLN A 393 4.16 19.59 14.95
CA GLN A 393 3.93 18.80 16.16
C GLN A 393 3.92 17.33 15.77
N TRP A 394 4.64 16.52 16.53
CA TRP A 394 4.78 15.11 16.20
C TRP A 394 3.46 14.38 16.39
N PRO A 395 2.90 13.75 15.37
CA PRO A 395 1.80 12.80 15.62
C PRO A 395 2.33 11.55 16.28
N VAL A 396 1.55 11.01 17.21
CA VAL A 396 1.93 9.80 17.93
C VAL A 396 0.79 8.79 17.83
N MET A 397 1.10 7.59 17.35
CA MET A 397 0.14 6.50 17.29
C MET A 397 0.18 5.75 18.61
N THR A 398 -0.99 5.49 19.18
CA THR A 398 -1.04 4.79 20.46
C THR A 398 -2.40 4.15 20.64
N GLY A 399 -2.44 3.10 21.45
CA GLY A 399 -3.67 2.41 21.78
C GLY A 399 -3.87 1.17 20.93
N GLY A 400 -4.91 0.42 21.29
CA GLY A 400 -5.25 -0.80 20.58
C GLY A 400 -4.86 -2.04 21.35
N ALA A 401 -5.86 -2.86 21.71
CA ALA A 401 -5.63 -4.08 22.48
C ALA A 401 -6.27 -5.25 21.76
N VAL A 402 -5.50 -6.32 21.61
CA VAL A 402 -5.92 -7.52 20.89
C VAL A 402 -5.71 -8.72 21.79
N SER A 403 -6.72 -9.58 21.89
CA SER A 403 -6.68 -10.77 22.72
C SER A 403 -6.47 -11.99 21.84
N LEU A 404 -5.54 -12.85 22.23
CA LEU A 404 -5.13 -14.01 21.45
C LEU A 404 -5.79 -15.27 22.00
N HIS A 405 -6.20 -16.16 21.09
CA HIS A 405 -6.80 -17.43 21.47
C HIS A 405 -6.24 -18.53 20.58
N SER A 406 -5.79 -19.62 21.21
CA SER A 406 -5.12 -20.70 20.50
C SER A 406 -6.13 -21.46 19.64
N ALA A 407 -6.11 -21.22 18.33
CA ALA A 407 -6.95 -21.93 17.39
C ALA A 407 -6.18 -23.09 16.74
N GLY A 408 -5.68 -23.97 17.59
CA GLY A 408 -4.95 -25.14 17.12
C GLY A 408 -3.49 -24.85 16.82
N VAL A 409 -2.81 -25.89 16.35
CA VAL A 409 -1.39 -25.85 16.06
C VAL A 409 -1.14 -26.50 14.71
N THR A 410 0.04 -26.23 14.14
CA THR A 410 0.43 -26.79 12.86
C THR A 410 1.88 -27.24 12.95
N LEU A 411 2.23 -28.23 12.12
CA LEU A 411 3.61 -28.72 12.04
C LEU A 411 4.01 -28.75 10.58
N SER A 412 4.86 -27.80 10.18
CA SER A 412 5.28 -27.66 8.79
C SER A 412 6.70 -28.16 8.64
N THR A 413 6.89 -29.11 7.72
CA THR A 413 8.20 -29.69 7.45
C THR A 413 8.53 -29.48 5.99
N GLN A 414 9.74 -28.98 5.72
CA GLN A 414 10.18 -28.73 4.36
C GLN A 414 11.51 -29.43 4.11
N PHE A 415 11.69 -29.88 2.87
CA PHE A 415 12.76 -30.78 2.48
C PHE A 415 13.65 -30.13 1.42
N THR A 416 14.94 -30.41 1.51
CA THR A 416 15.92 -29.88 0.56
C THR A 416 17.04 -30.89 0.43
N ASP A 417 18.11 -30.56 -0.30
CA ASP A 417 19.29 -31.40 -0.38
C ASP A 417 20.08 -31.42 0.93
N PHE A 418 19.57 -30.77 1.97
CA PHE A 418 20.22 -30.80 3.29
C PHE A 418 19.21 -31.31 4.31
N VAL A 419 19.55 -31.23 5.59
CA VAL A 419 18.68 -31.68 6.66
C VAL A 419 17.33 -30.99 6.54
N SER A 420 16.25 -31.75 6.72
CA SER A 420 14.92 -31.18 6.65
C SER A 420 14.74 -30.14 7.74
N LEU A 421 13.88 -29.15 7.47
CA LEU A 421 13.57 -28.12 8.46
C LEU A 421 12.12 -28.27 8.91
N ASN A 422 11.94 -28.45 10.22
CA ASN A 422 10.61 -28.54 10.81
C ASN A 422 10.30 -27.25 11.55
N SER A 423 9.01 -27.01 11.76
CA SER A 423 8.57 -25.80 12.44
C SER A 423 7.20 -26.05 13.05
N LEU A 424 7.09 -25.79 14.35
CA LEU A 424 5.84 -25.93 15.08
C LEU A 424 5.20 -24.54 15.18
N ARG A 425 4.12 -24.34 14.44
CA ARG A 425 3.48 -23.04 14.29
C ARG A 425 2.18 -23.03 15.11
N PHE A 426 2.20 -22.36 16.25
CA PHE A 426 0.98 -22.11 17.00
C PHE A 426 0.26 -20.92 16.37
N ARG A 427 -0.96 -21.13 15.91
CA ARG A 427 -1.75 -20.07 15.28
C ARG A 427 -2.79 -19.56 16.27
N PHE A 428 -2.78 -18.26 16.51
CA PHE A 428 -3.69 -17.62 17.44
C PHE A 428 -4.66 -16.74 16.67
N ARG A 429 -5.95 -16.94 16.88
CA ARG A 429 -6.95 -16.02 16.37
C ARG A 429 -7.12 -14.86 17.34
N LEU A 430 -7.69 -13.76 16.85
CA LEU A 430 -7.65 -12.49 17.53
C LEU A 430 -9.06 -11.96 17.80
N THR A 431 -9.20 -11.26 18.92
CA THR A 431 -10.43 -10.54 19.24
C THR A 431 -10.05 -9.16 19.76
N VAL A 432 -10.61 -8.13 19.15
CA VAL A 432 -10.29 -6.76 19.52
C VAL A 432 -11.00 -6.41 20.82
N GLU A 433 -10.33 -5.63 21.67
CA GLU A 433 -10.97 -5.14 22.88
C GLU A 433 -10.34 -3.81 23.26
N GLU A 434 -11.06 -3.05 24.08
CA GLU A 434 -10.62 -1.72 24.45
C GLU A 434 -9.34 -1.81 25.30
N PRO A 435 -8.51 -0.77 25.31
CA PRO A 435 -8.67 0.55 24.67
C PRO A 435 -8.45 0.54 23.18
N SER A 436 -9.07 1.49 22.47
CA SER A 436 -8.92 1.59 21.03
C SER A 436 -7.53 2.13 20.70
N PHE A 437 -7.29 2.38 19.41
CA PHE A 437 -6.04 2.97 18.94
C PHE A 437 -6.36 4.19 18.09
N SER A 438 -5.42 5.13 18.07
CA SER A 438 -5.59 6.34 17.28
C SER A 438 -4.25 7.05 17.20
N ILE A 439 -4.16 7.99 16.27
CA ILE A 439 -2.94 8.76 16.02
C ILE A 439 -3.27 10.23 16.27
N THR A 440 -2.43 10.91 17.04
CA THR A 440 -2.70 12.28 17.43
C THR A 440 -2.65 13.22 16.23
N ARG A 441 -3.40 14.31 16.31
CA ARG A 441 -3.49 15.30 15.25
C ARG A 441 -3.94 14.65 13.95
N THR A 442 -5.09 14.00 14.01
CA THR A 442 -5.64 13.33 12.84
C THR A 442 -7.08 12.93 13.11
N ARG A 443 -7.92 13.02 12.08
CA ARG A 443 -9.33 12.65 12.23
C ARG A 443 -9.48 11.17 12.54
N VAL A 444 -8.67 10.32 11.91
CA VAL A 444 -8.77 8.88 12.13
C VAL A 444 -8.59 8.59 13.61
N SER A 445 -9.63 8.02 14.22
CA SER A 445 -9.61 7.78 15.66
C SER A 445 -10.62 6.69 16.00
N ARG A 446 -10.45 6.15 17.20
CA ARG A 446 -11.36 5.16 17.78
C ARG A 446 -11.62 4.02 16.79
N LEU A 447 -10.53 3.32 16.46
CA LEU A 447 -10.57 2.13 15.63
C LEU A 447 -10.08 0.95 16.45
N TYR A 448 -10.61 -0.23 16.13
CA TYR A 448 -10.35 -1.43 16.91
C TYR A 448 -9.26 -2.26 16.24
N GLY A 449 -8.26 -2.66 17.02
CA GLY A 449 -7.18 -3.47 16.51
C GLY A 449 -5.90 -3.16 17.25
N LEU A 450 -4.81 -3.67 16.70
CA LEU A 450 -3.47 -3.45 17.25
C LEU A 450 -2.58 -2.90 16.14
N PRO A 451 -2.19 -1.63 16.19
CA PRO A 451 -1.35 -1.09 15.12
C PRO A 451 0.04 -1.70 15.14
N ALA A 452 0.70 -1.65 13.97
CA ALA A 452 2.02 -2.21 13.82
C ALA A 452 3.13 -1.29 14.30
N ALA A 453 2.80 -0.08 14.75
CA ALA A 453 3.83 0.87 15.16
C ALA A 453 4.66 0.34 16.31
N ASN A 454 4.04 0.16 17.47
CA ASN A 454 4.71 -0.35 18.66
C ASN A 454 3.86 -1.47 19.26
N PRO A 455 3.80 -2.62 18.59
CA PRO A 455 3.04 -3.74 19.15
C PRO A 455 3.57 -4.21 20.49
N ASN A 456 4.88 -4.10 20.73
CA ASN A 456 5.44 -4.57 21.99
C ASN A 456 4.91 -3.77 23.17
N ASN A 457 4.76 -2.46 23.01
CA ASN A 457 4.37 -1.57 24.10
C ASN A 457 5.42 -1.56 25.20
N GLY A 458 6.68 -1.79 24.84
CA GLY A 458 7.77 -1.72 25.77
C GLY A 458 8.06 -3.00 26.53
N LYS A 459 7.12 -3.95 26.52
CA LYS A 459 7.37 -5.22 27.19
C LYS A 459 8.46 -6.00 26.47
N GLU A 460 9.26 -6.72 27.25
CA GLU A 460 10.34 -7.51 26.66
C GLU A 460 9.79 -8.69 25.84
N TYR A 461 8.62 -9.20 26.20
CA TYR A 461 8.06 -10.36 25.53
C TYR A 461 6.63 -10.57 25.98
N TYR A 462 5.77 -11.00 25.05
CA TYR A 462 4.44 -11.48 25.40
C TYR A 462 4.50 -12.98 25.65
N GLU A 463 4.04 -13.40 26.82
CA GLU A 463 4.21 -14.76 27.29
C GLU A 463 2.84 -15.42 27.40
N VAL A 464 2.72 -16.64 26.87
CA VAL A 464 1.55 -17.48 27.12
C VAL A 464 2.05 -18.86 27.52
N ALA A 465 1.51 -19.38 28.61
CA ALA A 465 1.97 -20.64 29.19
C ALA A 465 0.80 -21.58 29.35
N GLY A 466 1.09 -22.88 29.20
CA GLY A 466 0.06 -23.89 29.32
C GLY A 466 0.62 -25.27 29.06
N ARG A 467 -0.24 -26.18 28.60
CA ARG A 467 0.13 -27.56 28.35
C ARG A 467 0.05 -27.86 26.86
N PHE A 468 0.86 -28.80 26.40
CA PHE A 468 0.69 -29.33 25.06
C PHE A 468 0.93 -30.83 25.09
N SER A 469 0.02 -31.55 24.45
CA SER A 469 0.01 -33.01 24.39
C SER A 469 0.33 -33.44 22.98
N LEU A 470 1.29 -34.35 22.84
CA LEU A 470 1.84 -34.74 21.56
C LEU A 470 1.79 -36.26 21.46
N ILE A 471 0.87 -36.78 20.67
CA ILE A 471 0.82 -38.20 20.36
C ILE A 471 1.68 -38.42 19.13
N SER A 472 2.86 -39.00 19.31
CA SER A 472 3.83 -39.16 18.25
C SER A 472 4.23 -40.63 18.13
N LEU A 473 5.05 -40.89 17.12
CA LEU A 473 5.58 -42.21 16.83
C LEU A 473 7.08 -42.20 17.09
N VAL A 474 7.58 -43.25 17.73
CA VAL A 474 8.99 -43.31 18.09
C VAL A 474 9.48 -44.74 17.85
N PRO A 475 10.80 -45.00 17.88
CA PRO A 475 11.28 -46.37 17.75
C PRO A 475 10.85 -47.27 18.90
N PHE B 40 1.42 -57.93 18.44
CA PHE B 40 1.63 -56.50 18.27
C PHE B 40 0.29 -55.78 18.24
N ALA B 41 0.32 -54.51 17.86
CA ALA B 41 -0.89 -53.71 17.65
C ALA B 41 -0.87 -53.12 16.25
N GLN B 42 -2.05 -53.00 15.67
CA GLN B 42 -2.19 -52.56 14.28
C GLN B 42 -2.47 -51.06 14.20
N THR B 43 -1.55 -50.28 14.76
CA THR B 43 -1.65 -48.84 14.66
C THR B 43 -1.58 -48.41 13.19
N GLY B 44 -2.28 -47.33 12.88
CA GLY B 44 -2.27 -46.78 11.53
C GLY B 44 -2.10 -45.27 11.56
N TYR B 45 -2.14 -44.67 10.38
CA TYR B 45 -2.12 -43.23 10.29
C TYR B 45 -3.33 -42.64 11.02
N ALA B 46 -3.25 -41.35 11.29
CA ALA B 46 -4.43 -40.65 11.74
C ALA B 46 -5.33 -40.36 10.54
N PRO B 47 -6.64 -40.31 10.74
CA PRO B 47 -7.51 -39.91 9.63
C PRO B 47 -7.07 -38.57 9.06
N VAL B 48 -6.65 -38.58 7.80
CA VAL B 48 -5.95 -37.45 7.19
C VAL B 48 -6.77 -36.96 6.01
N ASN B 49 -6.98 -35.64 5.96
CA ASN B 49 -7.70 -34.99 4.87
C ASN B 49 -6.77 -33.99 4.19
N TRP B 50 -6.71 -34.03 2.87
CA TRP B 50 -5.82 -33.17 2.10
C TRP B 50 -6.60 -31.99 1.53
N GLY B 51 -5.95 -30.83 1.53
CA GLY B 51 -6.56 -29.61 1.06
C GLY B 51 -5.62 -28.44 1.11
N PRO B 52 -6.15 -27.23 0.98
CA PRO B 52 -5.30 -26.03 1.02
C PRO B 52 -4.55 -25.93 2.34
N GLY B 53 -3.64 -24.96 2.40
CA GLY B 53 -2.90 -24.68 3.61
C GLY B 53 -2.94 -23.19 3.93
N GLU B 54 -2.26 -22.84 5.03
CA GLU B 54 -2.15 -21.44 5.39
C GLU B 54 -1.49 -20.66 4.26
N THR B 55 -2.01 -19.47 3.97
CA THR B 55 -1.65 -18.77 2.76
C THR B 55 -1.54 -17.27 3.05
N ASN B 56 -0.77 -16.58 2.21
CA ASN B 56 -0.73 -15.13 2.24
C ASN B 56 -2.14 -14.56 2.10
N ASP B 57 -2.46 -13.59 2.95
CA ASP B 57 -3.76 -12.95 2.89
C ASP B 57 -3.63 -11.52 3.40
N SER B 58 -3.94 -10.55 2.55
CA SER B 58 -3.91 -9.15 2.92
C SER B 58 -5.26 -8.53 2.56
N THR B 59 -5.91 -7.94 3.54
CA THR B 59 -7.19 -7.28 3.35
C THR B 59 -7.00 -5.77 3.37
N THR B 60 -7.57 -5.09 2.39
CA THR B 60 -7.46 -3.64 2.26
C THR B 60 -8.78 -3.00 2.64
N VAL B 61 -8.70 -1.94 3.44
CA VAL B 61 -9.87 -1.21 3.91
C VAL B 61 -9.83 0.19 3.30
N GLU B 62 -10.93 0.59 2.69
CA GLU B 62 -10.98 1.89 2.05
C GLU B 62 -10.84 2.99 3.11
N PRO B 63 -10.27 4.13 2.76
CA PRO B 63 -10.16 5.21 3.74
C PRO B 63 -11.54 5.74 4.12
N VAL B 64 -11.62 6.27 5.34
CA VAL B 64 -12.90 6.75 5.86
C VAL B 64 -13.46 7.86 4.99
N LEU B 65 -12.59 8.64 4.33
CA LEU B 65 -12.99 9.64 3.36
C LEU B 65 -12.17 9.46 2.09
N ASP B 66 -12.68 10.00 0.99
CA ASP B 66 -11.99 9.85 -0.28
C ASP B 66 -10.59 10.48 -0.24
N GLY B 67 -10.39 11.47 0.63
CA GLY B 67 -9.09 12.04 0.84
C GLY B 67 -9.11 13.55 0.63
N PRO B 68 -8.31 14.30 1.41
CA PRO B 68 -8.30 15.75 1.21
C PRO B 68 -7.62 16.13 -0.09
N TYR B 69 -8.40 16.52 -1.09
CA TYR B 69 -7.86 16.90 -2.38
C TYR B 69 -7.56 18.39 -2.41
N GLN B 70 -6.82 18.78 -3.44
CA GLN B 70 -6.28 20.12 -3.52
C GLN B 70 -7.26 21.11 -4.14
N PRO B 71 -7.05 22.40 -3.94
CA PRO B 71 -7.81 23.42 -4.69
C PRO B 71 -7.25 23.59 -6.09
N THR B 72 -7.98 23.08 -7.08
CA THR B 72 -7.52 23.15 -8.46
C THR B 72 -8.72 23.10 -9.40
N THR B 73 -8.47 23.45 -10.65
CA THR B 73 -9.52 23.57 -11.66
C THR B 73 -9.71 22.24 -12.37
N PHE B 74 -10.96 21.82 -12.50
CA PHE B 74 -11.32 20.63 -13.27
C PHE B 74 -12.84 20.61 -13.40
N ASN B 75 -13.36 19.58 -14.07
CA ASN B 75 -14.79 19.41 -14.31
C ASN B 75 -15.21 18.06 -13.77
N PRO B 76 -15.58 17.98 -12.49
CA PRO B 76 -15.86 16.68 -11.90
C PRO B 76 -17.00 15.99 -12.63
N PRO B 77 -16.99 14.66 -12.69
CA PRO B 77 -18.04 13.95 -13.44
C PRO B 77 -19.39 14.06 -12.75
N VAL B 78 -20.43 13.91 -13.56
CA VAL B 78 -21.78 13.96 -13.04
C VAL B 78 -22.00 12.84 -12.03
N ASP B 79 -23.01 13.01 -11.18
CA ASP B 79 -23.38 12.03 -10.17
C ASP B 79 -22.23 11.80 -9.18
N TYR B 80 -21.57 12.88 -8.78
CA TYR B 80 -20.54 12.85 -7.75
C TYR B 80 -20.59 14.17 -6.99
N TRP B 81 -20.51 14.09 -5.67
CA TRP B 81 -20.61 15.26 -4.81
C TRP B 81 -19.23 15.80 -4.51
N MET B 82 -19.11 17.13 -4.55
CA MET B 82 -17.91 17.82 -4.10
C MET B 82 -18.21 18.47 -2.75
N LEU B 83 -17.36 18.19 -1.77
CA LEU B 83 -17.56 18.66 -0.40
C LEU B 83 -16.36 19.54 -0.02
N LEU B 84 -16.59 20.85 0.05
CA LEU B 84 -15.55 21.80 0.40
C LEU B 84 -15.55 22.04 1.90
N ALA B 85 -14.36 22.18 2.47
CA ALA B 85 -14.16 22.48 3.89
C ALA B 85 -13.17 23.63 4.01
N PRO B 86 -13.60 24.86 3.72
CA PRO B 86 -12.68 26.00 3.83
C PRO B 86 -12.31 26.29 5.27
N THR B 87 -11.11 26.82 5.45
CA THR B 87 -10.66 27.25 6.77
C THR B 87 -10.96 28.71 7.04
N ALA B 88 -10.90 29.56 6.01
CA ALA B 88 -11.09 30.99 6.16
C ALA B 88 -12.26 31.44 5.30
N ALA B 89 -12.87 32.56 5.72
CA ALA B 89 -14.01 33.11 5.00
C ALA B 89 -13.63 33.54 3.59
N GLY B 90 -14.61 34.01 2.83
CA GLY B 90 -14.37 34.46 1.47
C GLY B 90 -14.82 33.47 0.43
N VAL B 91 -14.19 33.50 -0.75
CA VAL B 91 -14.57 32.58 -1.82
C VAL B 91 -14.13 31.17 -1.46
N VAL B 92 -14.97 30.19 -1.80
CA VAL B 92 -14.69 28.79 -1.47
C VAL B 92 -14.73 27.94 -2.74
N VAL B 93 -15.75 28.14 -3.57
CA VAL B 93 -15.92 27.30 -4.77
C VAL B 93 -16.57 28.16 -5.85
N GLU B 94 -16.15 27.93 -7.10
CA GLU B 94 -16.67 28.62 -8.26
C GLU B 94 -17.04 27.60 -9.33
N GLY B 95 -18.17 27.83 -10.00
CA GLY B 95 -18.58 26.99 -11.10
C GLY B 95 -18.95 27.81 -12.32
N THR B 96 -18.22 27.61 -13.42
CA THR B 96 -18.42 28.40 -14.64
C THR B 96 -18.36 27.47 -15.84
N ASN B 97 -19.51 27.21 -16.45
CA ASN B 97 -19.55 26.49 -17.72
C ASN B 97 -19.29 27.40 -18.92
N ASN B 98 -19.10 28.70 -18.68
CA ASN B 98 -18.65 29.67 -19.68
C ASN B 98 -19.67 29.91 -20.79
N THR B 99 -20.86 29.33 -20.71
CA THR B 99 -21.88 29.54 -21.73
C THR B 99 -23.14 30.20 -21.19
N ASP B 100 -23.71 29.67 -20.10
CA ASP B 100 -24.99 30.18 -19.63
C ASP B 100 -25.14 30.20 -18.11
N ARG B 101 -24.08 29.96 -17.34
CA ARG B 101 -24.21 29.95 -15.88
C ARG B 101 -22.87 30.27 -15.25
N TRP B 102 -22.86 31.20 -14.30
CA TRP B 102 -21.68 31.47 -13.48
C TRP B 102 -22.13 31.56 -12.04
N LEU B 103 -21.52 30.73 -11.18
CA LEU B 103 -21.92 30.61 -9.79
C LEU B 103 -20.68 30.64 -8.91
N ALA B 104 -20.86 31.12 -7.68
CA ALA B 104 -19.75 31.17 -6.73
C ALA B 104 -20.31 31.17 -5.32
N THR B 105 -19.83 30.24 -4.50
CA THR B 105 -20.16 30.25 -3.07
C THR B 105 -19.13 31.06 -2.32
N ILE B 106 -19.59 31.83 -1.33
CA ILE B 106 -18.73 32.66 -0.52
C ILE B 106 -19.08 32.42 0.94
N LEU B 107 -18.05 32.26 1.76
CA LEU B 107 -18.22 32.02 3.19
C LEU B 107 -18.08 33.33 3.95
N VAL B 108 -19.02 33.60 4.84
CA VAL B 108 -19.09 34.85 5.58
C VAL B 108 -19.05 34.54 7.07
N GLU B 109 -18.17 35.25 7.78
CA GLU B 109 -18.08 35.11 9.22
C GLU B 109 -19.34 35.67 9.87
N PRO B 110 -19.70 35.18 11.06
CA PRO B 110 -20.83 35.79 11.78
C PRO B 110 -20.53 37.25 12.11
N ASN B 111 -21.56 37.94 12.58
CA ASN B 111 -21.46 39.34 12.97
C ASN B 111 -20.93 40.19 11.82
N VAL B 112 -21.62 40.09 10.68
CA VAL B 112 -21.30 40.88 9.50
C VAL B 112 -22.59 41.53 9.00
N THR B 113 -22.61 42.86 8.97
CA THR B 113 -23.74 43.60 8.45
C THR B 113 -23.52 43.86 6.96
N SER B 114 -24.34 44.71 6.36
CA SER B 114 -24.18 45.06 4.96
C SER B 114 -22.87 45.80 4.78
N GLU B 115 -21.89 45.17 4.14
CA GLU B 115 -20.61 45.83 3.89
C GLU B 115 -20.03 45.38 2.56
N THR B 116 -19.32 46.29 1.91
CA THR B 116 -18.68 46.01 0.63
C THR B 116 -17.37 45.28 0.84
N ARG B 117 -17.05 44.36 -0.07
CA ARG B 117 -15.77 43.66 -0.04
C ARG B 117 -15.38 43.28 -1.46
N SER B 118 -14.10 43.40 -1.76
CA SER B 118 -13.57 42.96 -3.04
C SER B 118 -13.19 41.48 -2.93
N TYR B 119 -13.84 40.64 -3.71
CA TYR B 119 -13.55 39.21 -3.77
C TYR B 119 -12.95 38.87 -5.12
N THR B 120 -11.87 38.10 -5.11
CA THR B 120 -11.20 37.68 -6.33
C THR B 120 -12.00 36.55 -6.98
N LEU B 121 -13.15 36.93 -7.54
CA LEU B 121 -14.05 35.99 -8.17
C LEU B 121 -13.74 35.91 -9.66
N PHE B 122 -13.58 34.69 -10.16
CA PHE B 122 -13.34 34.46 -11.58
C PHE B 122 -12.16 35.28 -12.08
N GLY B 123 -11.15 35.42 -11.22
CA GLY B 123 -9.93 36.11 -11.59
C GLY B 123 -10.01 37.62 -11.54
N THR B 124 -11.16 38.19 -11.20
CA THR B 124 -11.34 39.63 -11.15
C THR B 124 -11.81 40.03 -9.76
N GLN B 125 -11.33 41.18 -9.29
CA GLN B 125 -11.56 41.65 -7.92
C GLN B 125 -12.89 42.40 -7.90
N GLU B 126 -13.97 41.62 -7.88
CA GLU B 126 -15.30 42.19 -8.03
C GLU B 126 -15.88 42.57 -6.67
N GLN B 127 -16.72 43.61 -6.67
CA GLN B 127 -17.26 44.18 -5.45
C GLN B 127 -18.55 43.44 -5.10
N ILE B 128 -18.52 42.67 -4.02
CA ILE B 128 -19.69 41.98 -3.49
C ILE B 128 -19.98 42.54 -2.11
N THR B 129 -21.23 42.91 -1.87
CA THR B 129 -21.65 43.38 -0.56
C THR B 129 -22.36 42.25 0.16
N ILE B 130 -21.96 42.01 1.42
CA ILE B 130 -22.41 40.84 2.16
C ILE B 130 -23.09 41.29 3.44
N ALA B 131 -23.98 40.42 3.93
CA ALA B 131 -24.67 40.62 5.20
C ALA B 131 -24.86 39.26 5.86
N ASN B 132 -24.56 39.19 7.16
CA ASN B 132 -24.69 37.94 7.90
C ASN B 132 -24.89 38.31 9.37
N ALA B 133 -26.14 38.24 9.83
CA ALA B 133 -26.49 38.60 11.19
C ALA B 133 -26.08 37.55 12.22
N SER B 134 -25.53 36.42 11.78
CA SER B 134 -25.24 35.32 12.70
C SER B 134 -24.25 35.78 13.77
N GLN B 135 -24.45 35.27 14.98
CA GLN B 135 -23.52 35.52 16.08
C GLN B 135 -22.39 34.51 16.08
N THR B 136 -22.72 33.22 15.98
CA THR B 136 -21.75 32.12 16.00
C THR B 136 -21.66 31.38 14.68
N GLN B 137 -22.78 31.18 13.99
CA GLN B 137 -22.78 30.41 12.76
C GLN B 137 -21.98 31.13 11.67
N TRP B 138 -21.47 30.35 10.72
CA TRP B 138 -20.96 30.89 9.47
C TRP B 138 -22.05 30.81 8.41
N LYS B 139 -21.89 31.59 7.35
CA LYS B 139 -22.95 31.72 6.35
C LYS B 139 -22.36 31.51 4.96
N PHE B 140 -22.79 30.43 4.30
CA PHE B 140 -22.45 30.21 2.90
C PHE B 140 -23.53 30.87 2.04
N ILE B 141 -23.10 31.76 1.15
CA ILE B 141 -23.99 32.54 0.30
C ILE B 141 -23.63 32.26 -1.14
N ASP B 142 -24.64 31.98 -1.96
CA ASP B 142 -24.44 31.74 -3.38
C ASP B 142 -24.61 33.03 -4.17
N VAL B 143 -23.74 33.24 -5.15
CA VAL B 143 -23.72 34.45 -5.96
C VAL B 143 -23.66 34.02 -7.42
N VAL B 144 -24.66 34.43 -8.20
CA VAL B 144 -24.87 33.92 -9.55
C VAL B 144 -24.98 35.07 -10.54
N LYS B 145 -24.35 34.91 -11.71
CA LYS B 145 -24.54 35.79 -12.85
C LYS B 145 -24.70 34.93 -14.10
N THR B 146 -25.64 35.35 -14.96
CA THR B 146 -26.03 34.57 -16.13
C THR B 146 -25.28 34.96 -17.40
N THR B 147 -24.57 36.08 -17.41
CA THR B 147 -23.86 36.53 -18.59
C THR B 147 -22.53 37.13 -18.17
N GLN B 148 -21.58 37.13 -19.11
CA GLN B 148 -20.27 37.69 -18.83
C GLN B 148 -20.38 39.12 -18.32
N ASN B 149 -21.30 39.89 -18.87
CA ASN B 149 -21.53 41.27 -18.47
C ASN B 149 -22.64 41.41 -17.43
N GLY B 150 -23.32 40.32 -17.07
CA GLY B 150 -24.42 40.39 -16.14
C GLY B 150 -23.97 40.65 -14.71
N SER B 151 -24.96 40.96 -13.88
CA SER B 151 -24.73 41.26 -12.47
C SER B 151 -24.90 40.00 -11.62
N TYR B 152 -24.63 40.16 -10.33
CA TYR B 152 -24.68 39.07 -9.38
C TYR B 152 -25.99 39.13 -8.59
N SER B 153 -26.14 38.20 -7.64
CA SER B 153 -27.33 38.16 -6.80
C SER B 153 -27.12 37.15 -5.68
N GLN B 154 -27.53 37.53 -4.47
CA GLN B 154 -27.40 36.64 -3.31
C GLN B 154 -28.54 35.64 -3.27
N TYR B 155 -28.20 34.39 -2.96
CA TYR B 155 -29.16 33.30 -2.88
C TYR B 155 -28.91 32.49 -1.61
N GLY B 156 -29.85 31.62 -1.29
CA GLY B 156 -29.74 30.77 -0.13
C GLY B 156 -30.52 31.31 1.05
N PRO B 157 -29.86 31.48 2.22
CA PRO B 157 -28.46 31.22 2.59
C PRO B 157 -28.28 29.84 3.22
N LEU B 158 -27.06 29.52 3.64
CA LEU B 158 -26.78 28.29 4.38
C LEU B 158 -26.08 28.66 5.69
N GLN B 159 -26.79 28.52 6.80
CA GLN B 159 -26.25 28.78 8.13
C GLN B 159 -25.62 27.50 8.64
N SER B 160 -24.29 27.46 8.70
CA SER B 160 -23.58 26.26 9.14
C SER B 160 -22.42 26.64 10.04
N THR B 161 -22.29 25.91 11.14
CA THR B 161 -21.14 26.06 12.02
C THR B 161 -19.91 25.31 11.51
N PRO B 162 -20.01 24.08 10.98
CA PRO B 162 -18.79 23.34 10.64
C PRO B 162 -18.03 23.93 9.47
N LYS B 163 -18.63 24.85 8.71
CA LYS B 163 -17.96 25.47 7.56
C LYS B 163 -17.69 24.44 6.46
N LEU B 164 -18.72 23.68 6.11
CA LEU B 164 -18.63 22.60 5.13
C LEU B 164 -19.74 22.77 4.11
N TYR B 165 -19.37 23.00 2.86
CA TYR B 165 -20.33 23.15 1.77
C TYR B 165 -20.32 21.90 0.90
N ALA B 166 -21.45 21.63 0.24
CA ALA B 166 -21.58 20.42 -0.55
C ALA B 166 -22.41 20.71 -1.80
N VAL B 167 -21.92 20.24 -2.95
CA VAL B 167 -22.55 20.49 -4.23
C VAL B 167 -22.47 19.25 -5.12
N MET B 168 -23.35 19.19 -6.12
CA MET B 168 -23.32 18.15 -7.13
C MET B 168 -24.00 18.68 -8.38
N LYS B 169 -23.69 18.07 -9.52
CA LYS B 169 -24.43 18.26 -10.76
C LYS B 169 -25.12 16.95 -11.13
N HIS B 170 -26.39 17.02 -11.48
CA HIS B 170 -27.20 15.83 -11.68
C HIS B 170 -28.42 16.15 -12.52
N ASN B 171 -28.62 15.38 -13.59
CA ASN B 171 -29.82 15.41 -14.41
C ASN B 171 -30.34 16.82 -14.64
N GLY B 172 -29.48 17.66 -15.22
CA GLY B 172 -29.88 18.97 -15.68
C GLY B 172 -29.96 20.04 -14.62
N LYS B 173 -29.51 19.78 -13.39
CA LYS B 173 -29.57 20.78 -12.34
C LYS B 173 -28.35 20.63 -11.44
N ILE B 174 -28.18 21.61 -10.56
CA ILE B 174 -27.11 21.60 -9.57
C ILE B 174 -27.74 21.51 -8.19
N TYR B 175 -27.37 20.48 -7.44
CA TYR B 175 -27.92 20.23 -6.12
C TYR B 175 -26.90 20.69 -5.08
N THR B 176 -27.27 21.65 -4.25
CA THR B 176 -26.37 22.21 -3.24
C THR B 176 -27.04 22.18 -1.88
N TYR B 177 -26.25 21.86 -0.85
CA TYR B 177 -26.79 21.86 0.50
C TYR B 177 -27.19 23.27 0.92
N ASN B 178 -28.26 23.36 1.72
CA ASN B 178 -28.76 24.63 2.20
C ASN B 178 -29.66 24.38 3.39
N GLY B 179 -29.89 25.45 4.16
CA GLY B 179 -30.81 25.42 5.27
C GLY B 179 -30.15 25.67 6.62
N GLU B 180 -30.38 24.76 7.56
CA GLU B 180 -29.90 24.90 8.93
C GLU B 180 -29.84 23.53 9.57
N THR B 181 -28.91 23.38 10.58
CA THR B 181 -28.80 22.14 11.33
C THR B 181 -29.85 22.08 12.44
N PRO B 182 -30.27 20.89 12.87
CA PRO B 182 -29.87 19.56 12.42
C PRO B 182 -30.73 19.08 11.26
N ASN B 183 -31.55 19.98 10.71
CA ASN B 183 -32.47 19.66 9.63
C ASN B 183 -32.02 20.30 8.32
N VAL B 184 -30.72 20.25 8.04
CA VAL B 184 -30.21 20.72 6.77
C VAL B 184 -30.88 19.95 5.64
N THR B 185 -31.01 20.58 4.48
CA THR B 185 -31.61 19.96 3.32
C THR B 185 -30.81 20.37 2.09
N THR B 186 -31.36 20.10 0.91
CA THR B 186 -30.70 20.43 -0.34
C THR B 186 -31.65 21.23 -1.23
N LYS B 187 -31.06 22.01 -2.13
CA LYS B 187 -31.81 22.82 -3.08
C LYS B 187 -31.24 22.63 -4.47
N TYR B 188 -32.12 22.69 -5.47
CA TYR B 188 -31.76 22.40 -6.85
C TYR B 188 -31.88 23.66 -7.68
N TYR B 189 -30.81 23.98 -8.41
CA TYR B 189 -30.74 25.17 -9.25
C TYR B 189 -30.75 24.73 -10.70
N SER B 190 -31.70 25.26 -11.47
CA SER B 190 -31.82 24.85 -12.86
C SER B 190 -30.73 25.46 -13.71
N THR B 191 -30.26 24.69 -14.69
CA THR B 191 -29.28 25.19 -15.65
C THR B 191 -29.15 24.21 -16.82
N THR B 192 -29.23 24.74 -18.04
CA THR B 192 -28.96 23.91 -19.21
C THR B 192 -27.47 23.59 -19.29
N ASN B 193 -27.16 22.45 -19.93
CA ASN B 193 -25.78 22.02 -20.08
C ASN B 193 -25.11 21.88 -18.71
N TYR B 194 -25.85 21.32 -17.75
CA TYR B 194 -25.37 21.22 -16.37
C TYR B 194 -24.04 20.49 -16.29
N ASP B 195 -23.81 19.51 -17.17
CA ASP B 195 -22.56 18.77 -17.11
C ASP B 195 -21.37 19.63 -17.49
N SER B 196 -21.59 20.66 -18.31
CA SER B 196 -20.49 21.52 -18.74
C SER B 196 -19.84 22.25 -17.58
N VAL B 197 -20.55 22.42 -16.46
CA VAL B 197 -20.02 23.23 -15.36
C VAL B 197 -18.74 22.60 -14.83
N ASN B 198 -17.69 23.40 -14.77
CA ASN B 198 -16.50 23.05 -14.04
C ASN B 198 -16.67 23.45 -12.58
N MET B 199 -15.86 22.84 -11.71
CA MET B 199 -15.92 23.11 -10.28
C MET B 199 -14.48 23.35 -9.80
N THR B 200 -14.09 24.62 -9.70
CA THR B 200 -12.79 25.00 -9.19
C THR B 200 -12.94 25.42 -7.73
N ALA B 201 -12.16 24.80 -6.86
CA ALA B 201 -12.24 25.02 -5.42
C ALA B 201 -10.95 25.67 -4.93
N PHE B 202 -11.08 26.49 -3.89
CA PHE B 202 -9.97 27.23 -3.32
C PHE B 202 -9.74 26.86 -1.85
N CYS B 203 -10.03 25.61 -1.48
CA CYS B 203 -9.70 25.11 -0.17
C CYS B 203 -9.68 23.59 -0.22
N ASP B 204 -9.06 23.00 0.80
CA ASP B 204 -9.01 21.54 0.90
C ASP B 204 -10.43 20.98 0.88
N PHE B 205 -10.65 19.96 0.03
CA PHE B 205 -11.99 19.45 -0.22
C PHE B 205 -11.93 17.94 -0.39
N TYR B 206 -13.12 17.35 -0.60
CA TYR B 206 -13.30 15.91 -0.72
C TYR B 206 -14.28 15.64 -1.85
N ILE B 207 -14.27 14.40 -2.33
CA ILE B 207 -15.20 13.94 -3.35
C ILE B 207 -15.93 12.71 -2.82
N ILE B 208 -17.24 12.68 -2.98
CA ILE B 208 -18.08 11.63 -2.40
C ILE B 208 -18.97 11.06 -3.50
N PRO B 209 -19.38 9.80 -3.44
CA PRO B 209 -20.40 9.32 -4.36
C PRO B 209 -21.78 9.81 -3.96
N ARG B 210 -22.70 9.78 -4.94
CA ARG B 210 -24.08 10.15 -4.65
C ARG B 210 -24.75 9.10 -3.76
N GLU B 211 -24.41 7.83 -3.95
CA GLU B 211 -25.08 6.76 -3.24
C GLU B 211 -24.92 6.87 -1.73
N GLU B 212 -23.91 7.62 -1.26
CA GLU B 212 -23.66 7.83 0.15
C GLU B 212 -24.25 9.15 0.65
N GLU B 213 -25.39 9.55 0.08
CA GLU B 213 -25.99 10.83 0.43
C GLU B 213 -26.29 10.92 1.92
N SER B 214 -26.53 9.79 2.58
CA SER B 214 -26.72 9.81 4.03
C SER B 214 -25.47 10.32 4.74
N THR B 215 -24.28 9.88 4.28
CA THR B 215 -23.05 10.39 4.85
C THR B 215 -22.89 11.88 4.57
N CYS B 216 -23.33 12.34 3.40
CA CYS B 216 -23.31 13.77 3.13
C CYS B 216 -24.19 14.52 4.13
N THR B 217 -25.38 14.00 4.39
CA THR B 217 -26.28 14.67 5.33
C THR B 217 -25.68 14.73 6.72
N GLU B 218 -25.11 13.62 7.20
CA GLU B 218 -24.55 13.63 8.55
C GLU B 218 -23.24 14.40 8.60
N TYR B 219 -22.56 14.58 7.48
CA TYR B 219 -21.37 15.41 7.44
C TYR B 219 -21.71 16.89 7.44
N ILE B 220 -22.80 17.29 6.80
CA ILE B 220 -23.17 18.70 6.79
C ILE B 220 -24.01 19.10 7.99
N ASN B 221 -24.67 18.16 8.66
CA ASN B 221 -25.20 18.45 9.99
C ASN B 221 -24.07 18.74 10.95
N ASN B 222 -23.09 17.84 11.00
CA ASN B 222 -21.86 18.04 11.76
C ASN B 222 -20.71 17.58 10.89
N GLY B 223 -19.64 18.37 10.87
CA GLY B 223 -18.55 18.15 9.94
C GLY B 223 -17.90 16.79 10.03
N LEU B 224 -16.91 16.56 9.17
CA LEU B 224 -16.12 15.34 9.15
C LEU B 224 -15.61 15.02 10.55
N PRO B 225 -15.21 13.78 10.82
CA PRO B 225 -14.87 13.40 12.20
C PRO B 225 -13.84 14.36 12.79
N PRO B 226 -13.99 14.75 14.06
CA PRO B 226 -13.17 15.83 14.59
C PRO B 226 -11.68 15.49 14.51
N ILE B 227 -10.86 16.54 14.56
CA ILE B 227 -9.42 16.37 14.56
C ILE B 227 -8.93 15.66 15.80
N GLN B 228 -9.82 15.42 16.78
CA GLN B 228 -9.63 14.63 17.98
C GLN B 228 -8.80 15.36 19.04
N ASN B 229 -8.15 16.48 18.70
CA ASN B 229 -7.53 17.40 19.66
C ASN B 229 -6.91 16.70 20.86
N THR B 230 -6.22 15.58 20.63
CA THR B 230 -5.68 14.81 21.74
C THR B 230 -4.63 15.63 22.48
N ARG B 231 -4.53 15.38 23.79
CA ARG B 231 -3.59 16.10 24.65
C ARG B 231 -2.17 16.00 24.09
N ALA B 248 -1.41 -31.77 35.71
CA ALA B 248 -1.47 -30.32 35.65
C ALA B 248 -0.09 -29.73 35.38
N GLN B 249 0.87 -30.09 36.21
CA GLN B 249 2.25 -29.68 36.06
C GLN B 249 3.17 -30.88 36.19
N ALA B 250 4.47 -30.65 36.06
CA ALA B 250 5.45 -31.71 35.95
C ALA B 250 5.26 -32.43 34.62
N ASN B 251 5.85 -33.61 34.45
CA ASN B 251 5.84 -34.32 33.18
C ASN B 251 5.16 -35.67 33.32
N GLU B 252 4.49 -36.09 32.26
CA GLU B 252 3.87 -37.40 32.16
C GLU B 252 3.93 -37.87 30.72
N ASP B 253 4.23 -39.16 30.53
CA ASP B 253 4.19 -39.78 29.22
C ASP B 253 3.42 -41.08 29.30
N ILE B 254 2.45 -41.25 28.40
CA ILE B 254 1.52 -42.37 28.42
C ILE B 254 1.58 -43.05 27.07
N VAL B 255 1.66 -44.38 27.08
CA VAL B 255 1.67 -45.16 25.84
C VAL B 255 0.23 -45.35 25.37
N VAL B 256 -0.06 -44.84 24.17
CA VAL B 256 -1.40 -45.00 23.61
C VAL B 256 -1.56 -46.30 22.84
N SER B 257 -0.46 -46.87 22.35
CA SER B 257 -0.52 -48.16 21.68
C SER B 257 0.83 -48.85 21.82
N LYS B 258 0.81 -50.17 21.95
CA LYS B 258 2.02 -50.92 22.16
C LYS B 258 2.80 -50.98 20.84
N THR B 259 3.82 -51.82 20.81
CA THR B 259 4.73 -51.86 19.67
C THR B 259 3.99 -52.14 18.37
N SER B 260 4.11 -51.24 17.41
CA SER B 260 3.48 -51.36 16.11
C SER B 260 4.44 -52.07 15.16
N LEU B 261 4.19 -51.98 13.85
CA LEU B 261 5.08 -52.61 12.87
C LEU B 261 5.03 -51.77 11.61
N TRP B 262 6.15 -51.16 11.23
CA TRP B 262 6.22 -50.25 10.11
C TRP B 262 7.41 -50.58 9.22
N LYS B 263 7.31 -50.18 7.96
CA LYS B 263 8.39 -50.33 7.00
C LYS B 263 8.57 -49.05 6.21
N GLU B 264 9.79 -48.85 5.74
CA GLU B 264 10.18 -47.63 5.03
C GLU B 264 10.12 -47.89 3.52
N MET B 265 9.23 -47.18 2.83
CA MET B 265 9.04 -47.34 1.41
C MET B 265 9.54 -46.11 0.66
N GLN B 266 9.69 -46.26 -0.66
CA GLN B 266 10.11 -45.16 -1.52
C GLN B 266 9.28 -45.23 -2.80
N TYR B 267 8.38 -44.27 -2.98
CA TYR B 267 7.47 -44.22 -4.12
C TYR B 267 7.96 -43.19 -5.13
N ASN B 268 8.19 -43.62 -6.36
CA ASN B 268 8.65 -42.76 -7.44
C ASN B 268 7.51 -42.63 -8.44
N ARG B 269 6.90 -41.43 -8.52
CA ARG B 269 5.73 -41.25 -9.36
C ARG B 269 5.82 -39.95 -10.14
N ASP B 270 5.27 -39.97 -11.35
CA ASP B 270 5.21 -38.76 -12.17
C ASP B 270 4.10 -37.85 -11.67
N ILE B 271 4.43 -36.58 -11.50
CA ILE B 271 3.46 -35.55 -11.13
C ILE B 271 3.46 -34.50 -12.22
N THR B 272 2.27 -34.17 -12.72
CA THR B 272 2.08 -33.12 -13.71
C THR B 272 1.21 -32.07 -13.02
N ILE B 273 1.86 -31.11 -12.37
CA ILE B 273 1.14 -30.14 -11.57
C ILE B 273 0.77 -28.94 -12.44
N ARG B 274 -0.51 -28.59 -12.44
CA ARG B 274 -1.04 -27.47 -13.19
C ARG B 274 -1.63 -26.47 -12.22
N PHE B 275 -1.34 -25.19 -12.46
CA PHE B 275 -1.78 -24.14 -11.55
C PHE B 275 -2.03 -22.86 -12.33
N LYS B 276 -3.04 -22.10 -11.92
CA LYS B 276 -3.37 -20.84 -12.55
C LYS B 276 -3.48 -19.77 -11.48
N PHE B 277 -3.00 -18.57 -11.79
CA PHE B 277 -3.05 -17.46 -10.86
C PHE B 277 -4.44 -16.85 -10.83
N ALA B 278 -4.68 -16.03 -9.80
CA ALA B 278 -5.89 -15.23 -9.70
C ALA B 278 -5.54 -13.87 -9.13
N SER B 279 -6.16 -12.83 -9.68
CA SER B 279 -5.86 -11.46 -9.31
C SER B 279 -7.09 -10.81 -8.69
N SER B 280 -6.85 -10.00 -7.67
CA SER B 280 -7.89 -9.20 -7.03
C SER B 280 -7.70 -7.75 -7.44
N ILE B 281 -8.78 -7.13 -7.90
CA ILE B 281 -8.76 -5.78 -8.46
C ILE B 281 -9.78 -4.96 -7.70
N VAL B 282 -9.33 -4.24 -6.67
CA VAL B 282 -10.19 -3.41 -5.84
C VAL B 282 -9.99 -1.97 -6.27
N LYS B 283 -11.04 -1.35 -6.81
CA LYS B 283 -11.00 0.03 -7.26
C LYS B 283 -11.44 0.94 -6.12
N SER B 284 -10.64 1.99 -5.87
CA SER B 284 -10.92 2.88 -4.76
C SER B 284 -12.18 3.70 -5.03
N GLY B 285 -12.99 3.86 -3.99
CA GLY B 285 -14.19 4.68 -4.09
C GLY B 285 -13.87 6.11 -4.46
N GLY B 286 -14.56 6.63 -5.45
CA GLY B 286 -14.30 7.97 -5.95
C GLY B 286 -14.66 8.06 -7.42
N LEU B 287 -13.94 8.92 -8.14
CA LEU B 287 -14.18 9.05 -9.57
C LEU B 287 -13.91 7.74 -10.29
N GLY B 288 -12.87 7.03 -9.88
CA GLY B 288 -12.47 5.78 -10.50
C GLY B 288 -11.14 5.83 -11.21
N TYR B 289 -10.50 6.99 -11.27
CA TYR B 289 -9.19 7.08 -11.91
C TYR B 289 -8.08 6.47 -11.07
N LYS B 290 -8.35 6.09 -9.82
CA LYS B 290 -7.36 5.49 -8.95
C LYS B 290 -7.84 4.11 -8.53
N TRP B 291 -6.95 3.11 -8.63
CA TRP B 291 -7.25 1.74 -8.22
C TRP B 291 -6.59 1.48 -6.87
N SER B 292 -7.39 1.02 -5.91
CA SER B 292 -6.89 0.87 -4.54
C SER B 292 -5.91 -0.29 -4.43
N GLU B 293 -6.15 -1.38 -5.15
CA GLU B 293 -5.33 -2.57 -4.98
C GLU B 293 -5.39 -3.43 -6.23
N ILE B 294 -4.22 -3.85 -6.72
CA ILE B 294 -4.12 -4.84 -7.79
C ILE B 294 -3.18 -5.91 -7.26
N SER B 295 -3.75 -6.93 -6.62
CA SER B 295 -2.97 -7.88 -5.83
C SER B 295 -3.20 -9.30 -6.32
N PHE B 296 -2.40 -10.22 -5.78
CA PHE B 296 -2.57 -11.64 -6.02
C PHE B 296 -3.49 -12.23 -4.97
N LYS B 297 -4.26 -13.23 -5.38
CA LYS B 297 -5.17 -13.92 -4.47
C LYS B 297 -5.01 -15.42 -4.67
N PRO B 298 -5.13 -16.23 -3.61
CA PRO B 298 -5.02 -17.68 -3.78
C PRO B 298 -6.05 -18.16 -4.80
N ALA B 299 -5.59 -18.98 -5.73
CA ALA B 299 -6.40 -19.42 -6.87
C ALA B 299 -6.52 -20.92 -6.84
N ASN B 300 -7.74 -21.42 -6.69
CA ASN B 300 -7.99 -22.86 -6.69
C ASN B 300 -8.27 -23.35 -8.10
N TYR B 301 -7.94 -24.62 -8.33
CA TYR B 301 -8.11 -25.24 -9.63
C TYR B 301 -8.20 -26.73 -9.43
N GLN B 302 -8.95 -27.41 -10.30
CA GLN B 302 -9.12 -28.85 -10.22
C GLN B 302 -9.06 -29.43 -11.62
N TYR B 303 -8.36 -30.54 -11.78
CA TYR B 303 -8.21 -31.15 -13.09
C TYR B 303 -7.95 -32.64 -12.94
N THR B 304 -7.86 -33.32 -14.07
CA THR B 304 -7.62 -34.76 -14.11
C THR B 304 -6.59 -35.06 -15.17
N TYR B 305 -5.70 -36.00 -14.88
CA TYR B 305 -4.75 -36.46 -15.88
C TYR B 305 -4.48 -37.94 -15.66
N THR B 306 -4.03 -38.60 -16.72
CA THR B 306 -3.83 -40.04 -16.72
C THR B 306 -2.34 -40.35 -16.72
N ARG B 307 -1.92 -41.17 -15.77
CA ARG B 307 -0.54 -41.63 -15.69
C ARG B 307 -0.54 -43.14 -15.47
N ASP B 308 0.27 -43.86 -16.25
CA ASP B 308 0.40 -45.30 -16.10
C ASP B 308 -0.94 -46.00 -16.30
N GLY B 309 -1.81 -45.41 -17.10
CA GLY B 309 -3.13 -45.97 -17.34
C GLY B 309 -4.14 -45.69 -16.25
N GLU B 310 -3.76 -44.96 -15.21
CA GLU B 310 -4.64 -44.65 -14.09
C GLU B 310 -5.06 -43.19 -14.17
N GLU B 311 -6.36 -42.94 -13.99
CA GLU B 311 -6.88 -41.58 -13.96
C GLU B 311 -6.70 -41.03 -12.55
N VAL B 312 -6.02 -39.90 -12.43
CA VAL B 312 -5.82 -39.24 -11.14
C VAL B 312 -6.41 -37.85 -11.23
N THR B 313 -7.28 -37.54 -10.27
CA THR B 313 -7.88 -36.22 -10.12
C THR B 313 -7.08 -35.44 -9.09
N ALA B 314 -6.66 -34.24 -9.45
CA ALA B 314 -5.82 -33.42 -8.59
C ALA B 314 -6.44 -32.05 -8.40
N HIS B 315 -6.12 -31.44 -7.26
CA HIS B 315 -6.49 -30.08 -6.94
C HIS B 315 -5.23 -29.29 -6.65
N THR B 316 -5.21 -28.05 -7.12
CA THR B 316 -4.05 -27.17 -6.98
C THR B 316 -4.52 -25.81 -6.50
N THR B 317 -3.67 -25.16 -5.70
CA THR B 317 -3.96 -23.83 -5.19
C THR B 317 -2.69 -22.99 -5.31
N CYS B 318 -2.74 -21.98 -6.16
CA CYS B 318 -1.59 -21.13 -6.42
C CYS B 318 -1.64 -19.89 -5.53
N SER B 319 -0.52 -19.58 -4.90
CA SER B 319 -0.39 -18.38 -4.09
C SER B 319 1.03 -17.86 -4.24
N VAL B 320 1.28 -16.66 -3.71
CA VAL B 320 2.57 -16.01 -3.83
C VAL B 320 3.04 -15.55 -2.46
N ASN B 321 4.35 -15.37 -2.33
CA ASN B 321 4.95 -14.91 -1.09
C ASN B 321 6.17 -14.07 -1.43
N GLY B 322 6.47 -13.11 -0.55
CA GLY B 322 7.59 -12.23 -0.78
C GLY B 322 7.43 -11.37 -2.02
N MET B 323 6.21 -10.98 -2.35
CA MET B 323 5.96 -10.16 -3.53
C MET B 323 6.34 -8.72 -3.26
N ASN B 324 6.75 -8.03 -4.32
CA ASN B 324 7.15 -6.62 -4.24
C ASN B 324 5.93 -5.75 -4.53
N ASP B 325 5.75 -4.70 -3.73
CA ASP B 325 4.62 -3.78 -3.89
C ASP B 325 5.10 -2.53 -4.62
N PHE B 326 4.82 -2.47 -5.91
CA PHE B 326 5.04 -1.26 -6.69
C PHE B 326 3.82 -0.36 -6.57
N ASN B 327 4.06 0.95 -6.59
CA ASN B 327 2.97 1.92 -6.50
C ASN B 327 3.25 3.06 -7.47
N PHE B 328 2.34 3.27 -8.41
CA PHE B 328 2.45 4.37 -9.36
C PHE B 328 1.62 5.54 -8.87
N ASN B 329 2.22 6.72 -8.84
CA ASN B 329 1.58 7.95 -8.36
C ASN B 329 1.57 8.95 -9.52
N GLY B 330 0.46 8.98 -10.25
CA GLY B 330 0.33 9.81 -11.43
C GLY B 330 -0.17 11.21 -11.17
N GLY B 331 -0.38 11.60 -9.92
CA GLY B 331 -0.85 12.94 -9.59
C GLY B 331 -1.95 12.94 -8.56
N SER B 332 -2.17 14.09 -7.94
CA SER B 332 -3.19 14.22 -6.90
C SER B 332 -4.55 14.63 -7.44
N LEU B 333 -4.64 14.99 -8.71
CA LEU B 333 -5.94 15.36 -9.27
C LEU B 333 -6.86 14.15 -9.22
N PRO B 334 -8.15 14.33 -8.90
CA PRO B 334 -9.07 13.18 -8.93
C PRO B 334 -9.21 12.56 -10.30
N THR B 335 -8.85 13.28 -11.36
CA THR B 335 -8.91 12.75 -12.71
C THR B 335 -7.62 12.07 -13.16
N ASP B 336 -6.59 12.04 -12.31
CA ASP B 336 -5.31 11.46 -12.69
C ASP B 336 -5.29 9.96 -12.41
N PHE B 337 -4.49 9.25 -13.19
CA PHE B 337 -4.37 7.80 -13.07
C PHE B 337 -3.39 7.46 -11.96
N VAL B 338 -3.85 6.68 -10.99
CA VAL B 338 -3.04 6.31 -9.83
C VAL B 338 -3.27 4.85 -9.51
N ILE B 339 -2.21 4.15 -9.11
CA ILE B 339 -2.28 2.79 -8.63
C ILE B 339 -1.72 2.79 -7.21
N SER B 340 -2.60 2.68 -6.21
CA SER B 340 -2.16 2.81 -4.84
C SER B 340 -1.14 1.73 -4.48
N ARG B 341 -1.40 0.49 -4.87
CA ARG B 341 -0.48 -0.61 -4.58
C ARG B 341 -0.82 -1.77 -5.49
N TYR B 342 0.15 -2.19 -6.31
CA TYR B 342 0.01 -3.38 -7.14
C TYR B 342 1.26 -4.23 -6.97
N GLU B 343 1.06 -5.54 -6.93
CA GLU B 343 2.11 -6.47 -6.55
C GLU B 343 2.71 -7.13 -7.79
N VAL B 344 4.04 -7.17 -7.82
CA VAL B 344 4.79 -7.85 -8.88
C VAL B 344 5.83 -8.74 -8.21
N ILE B 345 6.08 -9.89 -8.81
CA ILE B 345 6.95 -10.91 -8.24
C ILE B 345 8.31 -10.84 -8.93
N LYS B 346 9.38 -10.94 -8.14
CA LYS B 346 10.75 -10.77 -8.63
C LYS B 346 11.61 -11.87 -8.05
N GLU B 347 12.93 -11.70 -8.15
CA GLU B 347 13.85 -12.69 -7.62
C GLU B 347 13.63 -12.93 -6.13
N ASN B 348 13.21 -11.89 -5.39
CA ASN B 348 12.97 -12.00 -3.96
C ASN B 348 11.56 -12.49 -3.64
N SER B 349 10.95 -13.25 -4.55
CA SER B 349 9.59 -13.75 -4.37
C SER B 349 9.54 -15.22 -4.69
N TYR B 350 8.62 -15.92 -4.04
CA TYR B 350 8.34 -17.33 -4.30
C TYR B 350 6.87 -17.50 -4.65
N VAL B 351 6.57 -18.57 -5.38
CA VAL B 351 5.19 -18.93 -5.70
C VAL B 351 4.94 -20.32 -5.14
N TYR B 352 3.98 -20.42 -4.22
CA TYR B 352 3.60 -21.70 -3.64
C TYR B 352 2.47 -22.32 -4.44
N VAL B 353 2.54 -23.64 -4.60
CA VAL B 353 1.53 -24.41 -5.32
C VAL B 353 1.14 -25.55 -4.40
N ASP B 354 -0.02 -25.45 -3.78
CA ASP B 354 -0.51 -26.45 -2.85
C ASP B 354 -1.27 -27.51 -3.65
N TYR B 355 -0.73 -28.72 -3.67
CA TYR B 355 -1.20 -29.79 -4.55
C TYR B 355 -1.69 -30.96 -3.73
N TRP B 356 -2.78 -31.58 -4.16
CA TRP B 356 -3.20 -32.83 -3.55
C TRP B 356 -4.14 -33.58 -4.48
N ASP B 357 -3.98 -34.90 -4.54
CA ASP B 357 -4.74 -35.75 -5.45
C ASP B 357 -5.22 -36.98 -4.69
N ASP B 358 -5.74 -37.96 -5.42
CA ASP B 358 -6.32 -39.16 -4.83
C ASP B 358 -5.48 -40.40 -5.05
N SER B 359 -4.23 -40.26 -5.45
CA SER B 359 -3.35 -41.41 -5.61
C SER B 359 -3.01 -42.00 -4.26
N GLN B 360 -2.84 -43.33 -4.23
CA GLN B 360 -2.55 -44.01 -2.98
C GLN B 360 -1.24 -43.53 -2.36
N ALA B 361 -0.33 -42.97 -3.15
CA ALA B 361 0.89 -42.44 -2.58
C ALA B 361 0.58 -41.35 -1.56
N PHE B 362 -0.37 -40.48 -1.86
CA PHE B 362 -0.70 -39.42 -0.92
C PHE B 362 -1.33 -39.97 0.35
N ARG B 363 -2.14 -41.01 0.22
CA ARG B 363 -2.63 -41.69 1.41
C ARG B 363 -1.46 -42.26 2.19
N ASN B 364 -0.36 -42.58 1.51
CA ASN B 364 0.84 -43.08 2.15
C ASN B 364 1.81 -41.95 2.54
N MET B 365 1.43 -40.70 2.35
CA MET B 365 2.32 -39.56 2.55
C MET B 365 2.25 -38.96 3.96
N VAL B 366 1.49 -39.55 4.88
CA VAL B 366 1.30 -38.91 6.18
C VAL B 366 2.64 -38.80 6.92
N TYR B 367 3.26 -39.94 7.24
CA TYR B 367 4.57 -39.96 7.87
C TYR B 367 5.62 -40.00 6.76
N VAL B 368 6.19 -38.85 6.44
CA VAL B 368 7.10 -38.70 5.31
C VAL B 368 8.50 -38.45 5.82
N ARG B 369 9.47 -39.19 5.29
CA ARG B 369 10.87 -39.06 5.67
C ARG B 369 11.60 -38.08 4.76
N SER B 370 11.51 -38.28 3.45
CA SER B 370 12.20 -37.43 2.49
C SER B 370 11.33 -37.28 1.25
N LEU B 371 11.48 -36.14 0.59
CA LEU B 371 10.71 -35.86 -0.63
C LEU B 371 11.58 -35.06 -1.57
N ALA B 372 11.66 -35.52 -2.82
CA ALA B 372 12.36 -34.80 -3.87
C ALA B 372 11.44 -34.67 -5.07
N ALA B 373 11.60 -33.58 -5.82
CA ALA B 373 10.71 -33.28 -6.95
C ALA B 373 11.55 -32.74 -8.09
N ASN B 374 11.95 -33.61 -9.01
CA ASN B 374 12.63 -33.20 -10.22
C ASN B 374 11.56 -32.67 -11.17
N LEU B 375 11.48 -31.34 -11.29
CA LEU B 375 10.46 -30.66 -12.06
C LEU B 375 11.11 -29.71 -13.05
N ASN B 376 10.51 -29.61 -14.23
CA ASN B 376 11.00 -28.68 -15.24
C ASN B 376 10.45 -27.27 -14.99
N SER B 377 11.09 -26.30 -15.63
CA SER B 377 10.76 -24.90 -15.42
C SER B 377 9.73 -24.43 -16.45
N VAL B 378 8.97 -23.40 -16.07
CA VAL B 378 7.95 -22.83 -16.93
C VAL B 378 8.13 -21.31 -16.95
N ILE B 379 7.69 -20.71 -18.05
CA ILE B 379 7.83 -19.28 -18.30
C ILE B 379 6.43 -18.68 -18.22
N CYS B 380 6.06 -18.16 -17.05
CA CYS B 380 4.75 -17.55 -16.87
C CYS B 380 4.81 -16.10 -17.33
N THR B 381 4.05 -15.76 -18.36
CA THR B 381 4.03 -14.43 -18.93
C THR B 381 2.87 -13.62 -18.37
N GLY B 382 2.89 -12.32 -18.65
CA GLY B 382 1.85 -11.40 -18.21
C GLY B 382 1.02 -10.95 -19.40
N GLY B 383 -0.30 -10.91 -19.20
CA GLY B 383 -1.22 -10.58 -20.26
C GLY B 383 -1.41 -9.08 -20.41
N ASP B 384 -2.54 -8.71 -21.02
CA ASP B 384 -2.88 -7.32 -21.30
C ASP B 384 -4.19 -6.99 -20.59
N TYR B 385 -4.10 -6.14 -19.58
CA TYR B 385 -5.26 -5.70 -18.81
C TYR B 385 -5.47 -4.21 -19.01
N SER B 386 -6.72 -3.81 -19.27
CA SER B 386 -7.05 -2.44 -19.59
C SER B 386 -7.75 -1.81 -18.38
N PHE B 387 -7.20 -0.69 -17.91
CA PHE B 387 -7.84 0.09 -16.86
C PHE B 387 -8.93 0.95 -17.48
N ALA B 388 -10.17 0.71 -17.10
CA ALA B 388 -11.31 1.43 -17.68
C ALA B 388 -11.53 2.72 -16.90
N LEU B 389 -10.95 3.81 -17.38
CA LEU B 389 -11.17 5.11 -16.78
C LEU B 389 -12.53 5.66 -17.17
N PRO B 390 -13.07 6.58 -16.37
CA PRO B 390 -14.32 7.24 -16.79
C PRO B 390 -14.20 8.00 -18.10
N VAL B 391 -13.02 8.55 -18.42
CA VAL B 391 -12.83 9.31 -19.65
C VAL B 391 -11.40 9.07 -20.14
N GLY B 392 -11.19 9.35 -21.43
CA GLY B 392 -9.87 9.29 -22.01
C GLY B 392 -9.46 7.91 -22.44
N GLN B 393 -8.24 7.82 -22.96
CA GLN B 393 -7.67 6.56 -23.36
C GLN B 393 -7.44 5.66 -22.16
N TRP B 394 -7.77 4.38 -22.31
CA TRP B 394 -7.64 3.44 -21.21
C TRP B 394 -6.20 2.96 -21.11
N PRO B 395 -5.50 3.21 -20.00
CA PRO B 395 -4.15 2.63 -19.85
C PRO B 395 -4.22 1.12 -19.80
N VAL B 396 -3.19 0.47 -20.34
CA VAL B 396 -3.11 -0.99 -20.38
C VAL B 396 -1.79 -1.42 -19.77
N MET B 397 -1.86 -2.38 -18.85
CA MET B 397 -0.68 -3.06 -18.35
C MET B 397 -0.40 -4.25 -19.25
N THR B 398 0.83 -4.38 -19.71
CA THR B 398 1.20 -5.45 -20.63
C THR B 398 2.59 -5.95 -20.30
N GLY B 399 2.89 -7.15 -20.79
CA GLY B 399 4.19 -7.74 -20.60
C GLY B 399 4.35 -8.35 -19.22
N GLY B 400 5.58 -8.78 -18.95
CA GLY B 400 5.92 -9.39 -17.68
C GLY B 400 5.99 -10.89 -17.75
N ALA B 401 7.20 -11.44 -17.62
CA ALA B 401 7.41 -12.87 -17.63
C ALA B 401 8.38 -13.25 -16.52
N VAL B 402 8.24 -14.48 -16.05
CA VAL B 402 9.08 -14.98 -14.96
C VAL B 402 9.21 -16.49 -15.10
N SER B 403 10.42 -16.99 -14.85
CA SER B 403 10.72 -18.40 -14.94
C SER B 403 10.63 -19.02 -13.55
N LEU B 404 9.96 -20.16 -13.46
CA LEU B 404 9.76 -20.86 -12.20
C LEU B 404 10.70 -22.06 -12.11
N HIS B 405 11.35 -22.22 -10.96
CA HIS B 405 12.27 -23.33 -10.73
C HIS B 405 11.98 -23.98 -9.37
N SER B 406 12.15 -25.29 -9.31
CA SER B 406 11.74 -26.08 -8.14
C SER B 406 12.70 -25.81 -6.98
N ALA B 407 12.25 -24.99 -6.04
CA ALA B 407 13.01 -24.71 -4.82
C ALA B 407 12.54 -25.57 -3.66
N GLY B 408 12.53 -26.88 -3.84
CA GLY B 408 12.13 -27.78 -2.77
C GLY B 408 10.63 -27.91 -2.64
N VAL B 409 10.23 -28.60 -1.58
CA VAL B 409 8.82 -28.89 -1.31
C VAL B 409 8.61 -28.93 0.18
N THR B 410 7.42 -28.50 0.61
CA THR B 410 7.05 -28.45 2.01
C THR B 410 5.83 -29.34 2.25
N LEU B 411 5.70 -29.84 3.47
CA LEU B 411 4.54 -30.64 3.87
C LEU B 411 4.05 -30.10 5.20
N SER B 412 2.87 -29.47 5.19
CA SER B 412 2.30 -28.87 6.39
C SER B 412 1.18 -29.75 6.92
N THR B 413 1.08 -29.81 8.25
CA THR B 413 0.09 -30.64 8.92
C THR B 413 -0.50 -29.84 10.07
N GLN B 414 -1.78 -29.48 9.96
CA GLN B 414 -2.48 -28.76 11.02
C GLN B 414 -3.44 -29.71 11.70
N PHE B 415 -3.31 -29.80 13.03
CA PHE B 415 -3.99 -30.82 13.81
C PHE B 415 -5.24 -30.23 14.44
N THR B 416 -6.34 -30.99 14.38
CA THR B 416 -7.61 -30.53 14.96
C THR B 416 -8.32 -31.74 15.54
N ASP B 417 -8.75 -31.62 16.80
CA ASP B 417 -9.28 -32.77 17.51
C ASP B 417 -8.24 -33.88 17.48
N PHE B 418 -8.45 -34.91 16.66
CA PHE B 418 -7.44 -35.92 16.41
C PHE B 418 -7.23 -36.16 14.93
N VAL B 419 -7.92 -35.44 14.06
CA VAL B 419 -7.65 -35.47 12.63
C VAL B 419 -6.47 -34.53 12.36
N SER B 420 -5.88 -34.70 11.18
CA SER B 420 -4.69 -33.95 10.79
C SER B 420 -4.84 -33.55 9.33
N LEU B 421 -5.17 -32.28 9.08
CA LEU B 421 -5.27 -31.79 7.73
C LEU B 421 -3.87 -31.58 7.16
N ASN B 422 -3.55 -32.29 6.09
CA ASN B 422 -2.23 -32.23 5.46
C ASN B 422 -2.30 -31.38 4.20
N SER B 423 -1.13 -30.89 3.79
CA SER B 423 -1.03 -30.08 2.58
C SER B 423 0.38 -30.14 2.04
N LEU B 424 0.51 -30.53 0.78
CA LEU B 424 1.79 -30.56 0.09
C LEU B 424 1.94 -29.26 -0.70
N ARG B 425 3.10 -28.62 -0.56
CA ARG B 425 3.33 -27.27 -1.09
C ARG B 425 4.61 -27.27 -1.91
N PHE B 426 4.48 -27.27 -3.23
CA PHE B 426 5.64 -27.09 -4.11
C PHE B 426 5.94 -25.59 -4.18
N ARG B 427 7.06 -25.18 -3.61
CA ARG B 427 7.46 -23.78 -3.62
C ARG B 427 8.47 -23.58 -4.75
N PHE B 428 8.12 -22.72 -5.71
CA PHE B 428 8.96 -22.42 -6.85
C PHE B 428 9.59 -21.05 -6.65
N ARG B 429 10.91 -20.98 -6.80
CA ARG B 429 11.60 -19.70 -6.82
C ARG B 429 11.61 -19.16 -8.24
N LEU B 430 11.85 -17.86 -8.35
CA LEU B 430 11.57 -17.11 -9.56
C LEU B 430 12.83 -16.48 -10.12
N THR B 431 12.92 -16.46 -11.46
CA THR B 431 13.98 -15.78 -12.18
C THR B 431 13.33 -14.80 -13.16
N VAL B 432 13.85 -13.58 -13.19
CA VAL B 432 13.30 -12.57 -14.09
C VAL B 432 13.91 -12.78 -15.48
N GLU B 433 13.05 -12.75 -16.50
CA GLU B 433 13.52 -12.83 -17.88
C GLU B 433 12.47 -12.23 -18.79
N GLU B 434 12.91 -11.90 -20.01
CA GLU B 434 12.12 -11.18 -21.02
C GLU B 434 10.76 -11.86 -21.24
N PRO B 435 9.76 -11.13 -21.77
CA PRO B 435 9.76 -9.69 -22.09
C PRO B 435 9.44 -8.82 -20.88
N SER B 436 9.98 -7.61 -20.82
CA SER B 436 9.71 -6.72 -19.70
C SER B 436 8.30 -6.17 -19.80
N PHE B 437 7.73 -5.82 -18.64
CA PHE B 437 6.38 -5.28 -18.56
C PHE B 437 6.44 -3.76 -18.46
N SER B 438 5.29 -3.15 -18.73
CA SER B 438 5.14 -1.70 -18.64
C SER B 438 3.68 -1.36 -18.88
N ILE B 439 3.27 -0.20 -18.38
CA ILE B 439 1.90 0.29 -18.55
C ILE B 439 1.94 1.49 -19.47
N THR B 440 1.09 1.47 -20.49
CA THR B 440 1.12 2.50 -21.52
C THR B 440 0.70 3.86 -20.96
N ARG B 441 1.07 4.90 -21.69
CA ARG B 441 0.71 6.27 -21.32
C ARG B 441 1.18 6.61 -19.92
N THR B 442 2.38 6.13 -19.57
CA THR B 442 2.93 6.35 -18.24
C THR B 442 4.43 6.17 -18.31
N ARG B 443 5.11 6.74 -17.32
CA ARG B 443 6.57 6.73 -17.25
C ARG B 443 7.13 5.50 -16.55
N VAL B 444 6.29 4.57 -16.12
CA VAL B 444 6.73 3.35 -15.44
C VAL B 444 6.89 2.25 -16.47
N SER B 445 8.13 1.95 -16.85
CA SER B 445 8.39 1.02 -17.93
C SER B 445 9.71 0.31 -17.71
N ARG B 446 9.93 -0.74 -18.50
CA ARG B 446 11.17 -1.51 -18.47
C ARG B 446 11.50 -1.99 -17.07
N LEU B 447 10.47 -2.47 -16.37
CA LEU B 447 10.63 -3.12 -15.08
C LEU B 447 10.48 -4.63 -15.27
N TYR B 448 11.27 -5.39 -14.52
CA TYR B 448 11.32 -6.83 -14.65
C TYR B 448 10.45 -7.48 -13.58
N GLY B 449 9.61 -8.41 -13.99
CA GLY B 449 8.69 -9.07 -13.08
C GLY B 449 7.43 -9.49 -13.81
N LEU B 450 6.48 -9.98 -13.03
CA LEU B 450 5.18 -10.42 -13.55
C LEU B 450 4.08 -9.76 -12.74
N PRO B 451 3.49 -8.66 -13.23
CA PRO B 451 2.48 -7.95 -12.44
C PRO B 451 1.20 -8.77 -12.32
N ALA B 452 0.43 -8.43 -11.29
CA ALA B 452 -0.80 -9.15 -10.98
C ALA B 452 -1.96 -8.78 -11.89
N ALA B 453 -1.73 -7.97 -12.93
CA ALA B 453 -2.83 -7.57 -13.80
C ALA B 453 -3.41 -8.77 -14.54
N ASN B 454 -2.55 -9.55 -15.21
CA ASN B 454 -2.99 -10.74 -15.93
C ASN B 454 -1.88 -11.79 -15.88
N PRO B 455 -1.66 -12.38 -14.71
CA PRO B 455 -0.72 -13.51 -14.64
C PRO B 455 -1.16 -14.70 -15.47
N ASN B 456 -2.46 -14.83 -15.75
CA ASN B 456 -2.92 -15.92 -16.59
C ASN B 456 -2.45 -15.76 -18.03
N ASN B 457 -2.40 -14.54 -18.54
CA ASN B 457 -1.97 -14.28 -19.90
C ASN B 457 -2.79 -15.06 -20.92
N GLY B 458 -4.08 -15.25 -20.63
CA GLY B 458 -4.93 -16.01 -21.53
C GLY B 458 -4.85 -17.50 -21.30
N LYS B 459 -3.65 -18.00 -21.03
CA LYS B 459 -3.48 -19.42 -20.74
C LYS B 459 -4.36 -19.81 -19.56
N GLU B 460 -5.08 -20.91 -19.72
CA GLU B 460 -6.00 -21.38 -18.69
C GLU B 460 -5.28 -22.09 -17.55
N TYR B 461 -4.02 -22.48 -17.72
CA TYR B 461 -3.27 -23.14 -16.67
C TYR B 461 -1.81 -23.22 -17.08
N TYR B 462 -0.91 -22.91 -16.14
CA TYR B 462 0.51 -23.15 -16.34
C TYR B 462 0.84 -24.55 -15.82
N GLU B 463 1.51 -25.33 -16.66
CA GLU B 463 1.79 -26.73 -16.36
C GLU B 463 3.29 -26.92 -16.18
N VAL B 464 3.66 -27.67 -15.14
CA VAL B 464 5.02 -28.18 -15.01
C VAL B 464 4.93 -29.65 -14.64
N ALA B 465 5.63 -30.49 -15.40
CA ALA B 465 5.62 -31.93 -15.19
C ALA B 465 6.97 -32.38 -14.68
N GLY B 466 7.00 -33.58 -14.11
CA GLY B 466 8.25 -34.15 -13.67
C GLY B 466 8.03 -35.38 -12.82
N ARG B 467 9.09 -35.78 -12.13
CA ARG B 467 9.05 -36.93 -11.25
C ARG B 467 9.16 -36.47 -9.80
N PHE B 468 8.54 -37.22 -8.90
CA PHE B 468 8.67 -36.92 -7.48
C PHE B 468 8.84 -38.23 -6.72
N SER B 469 9.84 -38.24 -5.84
CA SER B 469 10.23 -39.40 -5.07
C SER B 469 9.92 -39.15 -3.61
N LEU B 470 9.20 -40.07 -2.99
CA LEU B 470 8.68 -39.92 -1.64
C LEU B 470 9.16 -41.11 -0.81
N ILE B 471 10.16 -40.90 0.03
CA ILE B 471 10.60 -41.91 0.99
C ILE B 471 9.78 -41.69 2.25
N SER B 472 8.89 -42.62 2.53
CA SER B 472 7.92 -42.49 3.62
C SER B 472 7.94 -43.73 4.49
N LEU B 473 7.14 -43.68 5.56
CA LEU B 473 6.97 -44.79 6.48
C LEU B 473 5.52 -45.24 6.44
N VAL B 474 5.31 -46.54 6.27
CA VAL B 474 3.97 -47.08 6.07
C VAL B 474 3.82 -48.32 6.95
N PRO B 475 2.63 -48.92 7.06
CA PRO B 475 2.49 -50.13 7.87
C PRO B 475 2.95 -51.39 7.14
#